data_6CXF
#
_entry.id   6CXF
#
_cell.length_a   78.933
_cell.length_b   191.781
_cell.length_c   151.378
_cell.angle_alpha   90.000
_cell.angle_beta   90.000
_cell.angle_gamma   90.000
#
_symmetry.space_group_name_H-M   'C 2 2 21'
#
loop_
_entity.id
_entity.type
_entity.pdbx_description
1 polymer 'Antigen-presenting glycoprotein CD1d1'
2 polymer Beta-2-microglobulin
3 polymer 'Chimeric T cell antigen receptor alpha chain Va14,Va24,Ja18'
4 polymer 'Chimeric T cell antigen receptor beta chain Vb8.2, vb11'
5 branched alpha-D-mannopyranose-(1-3)-beta-D-mannopyranose-(1-4)-2-acetamido-2-deoxy-beta-D-glucopyranose-(1-4)-[alpha-L-fucopyranose-(1-6)]2-acetamido-2-deoxy-beta-D-glucopyranose
6 non-polymer 2-acetamido-2-deoxy-beta-D-glucopyranose
7 non-polymer 'N-[(2S,3S,4R)-3,4-dihydroxy-8-oxo-8-[(4-pentylphenyl)amino]-1-{[(2S,3R,4S,5R,6R)-3,4,5-trihydroxy-6-(hydroxymethyl)tetr ahydro-2H-pyran-2-yl]oxy}octan-2-yl]hexacosanamide'
8 non-polymer 'SODIUM ION'
9 water water
#
loop_
_entity_poly.entity_id
_entity_poly.type
_entity_poly.pdbx_seq_one_letter_code
_entity_poly.pdbx_strand_id
1 'polypeptide(L)'
;SEAQQKNYTFRCLQMSSFANRSWSRTDSVVWLGDLQTHRWSNDSATISFTKPWSQGKLSNQQWEKLQHMFQVYRVSFTRD
IQELVKMMSPKEDYPIEIQLSAGCEMYPGNASESFLHVAFQGKYVVRFWGTSWQTVPGAPSWLDLPIKVLNADQGTSATV
QMLLNDTCPLFVRGLLEAGKSDLEKQEKPVAWLSSVPSSAHGHRQLVCHVSGFYPKPVWVMWMRGDQEQQGTHRGDFLPN
ADETWYLQATLDVEAGEEAGLACRVKHSSLGGQDIILYWHHHHHH
;
A
2 'polypeptide(L)'
;IQKTPQIQVYSRHPPENGKPNILNCYVTQFHPPHIEIQMLKNGKKIPKVEMSDMSFSKDWSFYILAHTEFTPTETDTYAC
RVKHASMAEPKTVYWDRD
;
B
3 'polypeptide(L)'
;MKTQVEQSPQSLVVRQGENCVLQCNYSVTPDNHLRWFKQDTGKGLVSLTVLVDQKDKTSNGRYSATLDKDAKHSTLHITA
TLLDDTATYICVVGDRGSALGRLHFGAGTQLIVIPDIQNPDPAVYQLRDSKSSDKSVCLFTDFDSQTNVSQSKDSDVYIT
DKCVLDMRSMDFKSNSAVAWSNKSDFACANAFNNSIIPEDTFFPSPESS
;
C
4 'polypeptide(L)'
;MEAAVTQSPRNKVAVTGGKVTLSCNQTNNHNNMYWYRQDTGHGLRLIHYSYGAGSTEKGDIPDGYKASRPSQENFSLILE
LATPSQTSVYFCASGDEGYTQYFGPGTRLLVLEDLRNVTPPKVSLFEPSKAEISHTQKATLVCLATGFYPDHVELSWWVN
GKEVHSGVCTDPQPLKEQPALNDSRYSLSSRLRVSATFWQNPRNHFRCQVQFYGLSENDEWTQDRAKPVTQIVSAEAWGR
A
;
D
#
loop_
_chem_comp.id
_chem_comp.type
_chem_comp.name
_chem_comp.formula
BMA D-saccharide, beta linking beta-D-mannopyranose 'C6 H12 O6'
ELS non-polymer 'N-[(2S,3S,4R)-3,4-dihydroxy-8-oxo-8-[(4-pentylphenyl)amino]-1-{[(2S,3R,4S,5R,6R)-3,4,5-trihydroxy-6-(hydroxymethyl)tetr ahydro-2H-pyran-2-yl]oxy}octan-2-yl]hexacosanamide' 'C51 H92 N2 O10'
FUC L-saccharide, alpha linking alpha-L-fucopyranose 'C6 H12 O5'
MAN D-saccharide, alpha linking alpha-D-mannopyranose 'C6 H12 O6'
NA non-polymer 'SODIUM ION' 'Na 1'
NAG D-saccharide, beta linking 2-acetamido-2-deoxy-beta-D-glucopyranose 'C8 H15 N O6'
#
# COMPACT_ATOMS: atom_id res chain seq x y z
N ASN A 7 -9.19 -26.03 33.31
CA ASN A 7 -8.56 -25.93 31.95
C ASN A 7 -9.47 -25.25 30.92
N TYR A 8 -9.28 -23.95 30.71
CA TYR A 8 -10.14 -23.17 29.83
C TYR A 8 -9.44 -22.82 28.52
N THR A 9 -10.16 -22.97 27.42
CA THR A 9 -9.66 -22.50 26.13
C THR A 9 -10.32 -21.18 25.72
N PHE A 10 -9.47 -20.20 25.41
CA PHE A 10 -9.89 -18.91 24.89
C PHE A 10 -9.76 -18.92 23.37
N ARG A 11 -10.87 -18.68 22.68
CA ARG A 11 -10.94 -18.73 21.23
C ARG A 11 -11.42 -17.41 20.65
N CYS A 12 -10.61 -16.81 19.79
CA CYS A 12 -11.02 -15.68 18.97
C CYS A 12 -11.26 -16.23 17.60
N LEU A 13 -12.49 -16.16 17.12
CA LEU A 13 -12.86 -16.78 15.87
C LEU A 13 -13.23 -15.69 14.86
N GLN A 14 -12.58 -15.72 13.69
CA GLN A 14 -12.84 -14.76 12.62
C GLN A 14 -13.36 -15.53 11.42
N MET A 15 -14.38 -14.99 10.77
CA MET A 15 -14.95 -15.55 9.54
C MET A 15 -14.95 -14.42 8.53
N SER A 16 -14.30 -14.62 7.41
CA SER A 16 -14.25 -13.59 6.38
C SER A 16 -14.70 -14.19 5.07
N SER A 17 -15.69 -13.55 4.43
CA SER A 17 -16.20 -13.96 3.12
C SER A 17 -15.88 -12.90 2.07
N PHE A 18 -15.26 -13.31 0.97
CA PHE A 18 -15.00 -12.42 -0.16
C PHE A 18 -15.77 -12.99 -1.35
N ALA A 19 -16.86 -12.34 -1.72
CA ALA A 19 -17.73 -12.84 -2.81
C ALA A 19 -17.14 -12.55 -4.19
N ASN A 20 -16.50 -11.39 -4.32
CA ASN A 20 -15.88 -10.97 -5.57
C ASN A 20 -14.81 -9.88 -5.24
N ARG A 21 -14.30 -9.18 -6.25
CA ARG A 21 -13.28 -8.13 -6.05
C ARG A 21 -13.73 -6.94 -5.17
N SER A 22 -15.04 -6.68 -5.08
CA SER A 22 -15.58 -5.45 -4.46
C SER A 22 -16.58 -5.68 -3.30
N TRP A 23 -16.51 -6.84 -2.66
CA TRP A 23 -17.46 -7.18 -1.59
C TRP A 23 -16.83 -8.18 -0.65
N SER A 24 -16.81 -7.82 0.63
CA SER A 24 -16.40 -8.75 1.66
C SER A 24 -17.00 -8.35 2.98
N ARG A 25 -17.08 -9.31 3.90
CA ARG A 25 -17.44 -9.02 5.26
C ARG A 25 -16.61 -9.87 6.17
N THR A 26 -16.31 -9.32 7.35
CA THR A 26 -15.58 -10.02 8.36
C THR A 26 -16.35 -9.89 9.68
N ASP A 27 -16.60 -11.03 10.30
CA ASP A 27 -17.32 -11.07 11.57
C ASP A 27 -16.51 -11.92 12.54
N SER A 28 -16.48 -11.53 13.80
CA SER A 28 -15.79 -12.30 14.83
C SER A 28 -16.62 -12.49 16.06
N VAL A 29 -16.30 -13.54 16.80
CA VAL A 29 -16.89 -13.84 18.10
C VAL A 29 -15.76 -14.39 18.98
N VAL A 30 -15.90 -14.30 20.29
CA VAL A 30 -14.85 -14.73 21.21
C VAL A 30 -15.48 -15.54 22.32
N TRP A 31 -14.87 -16.70 22.59
CA TRP A 31 -15.36 -17.66 23.58
C TRP A 31 -14.30 -17.94 24.63
N LEU A 32 -14.74 -18.06 25.88
CA LEU A 32 -13.89 -18.51 26.96
C LEU A 32 -14.59 -19.74 27.49
N GLY A 33 -14.07 -20.91 27.15
CA GLY A 33 -14.81 -22.15 27.36
C GLY A 33 -15.99 -22.16 26.44
N ASP A 34 -17.19 -22.36 26.98
CA ASP A 34 -18.44 -22.34 26.21
C ASP A 34 -19.30 -21.07 26.42
N LEU A 35 -18.70 -20.01 26.99
CA LEU A 35 -19.35 -18.69 27.21
C LEU A 35 -18.79 -17.58 26.28
N GLN A 36 -19.67 -16.86 25.59
CA GLN A 36 -19.23 -15.82 24.64
C GLN A 36 -18.85 -14.56 25.42
N THR A 37 -17.68 -14.00 25.12
CA THR A 37 -17.19 -12.79 25.80
C THR A 37 -17.18 -11.55 24.92
N HIS A 38 -17.04 -11.73 23.61
CA HIS A 38 -17.04 -10.60 22.67
C HIS A 38 -17.77 -10.93 21.38
N ARG A 39 -18.22 -9.91 20.68
CA ARG A 39 -18.65 -10.06 19.30
C ARG A 39 -18.13 -8.87 18.59
N TRP A 40 -17.87 -9.04 17.30
CA TRP A 40 -17.44 -7.92 16.45
C TRP A 40 -18.03 -8.09 15.08
N SER A 41 -19.14 -7.41 14.85
CA SER A 41 -19.83 -7.46 13.58
C SER A 41 -19.06 -6.63 12.56
N ASN A 42 -19.15 -6.99 11.28
CA ASN A 42 -18.67 -6.15 10.18
C ASN A 42 -19.22 -4.72 10.26
N ASP A 43 -20.49 -4.60 10.67
CA ASP A 43 -21.20 -3.30 10.74
C ASP A 43 -20.64 -2.34 11.79
N SER A 44 -19.99 -2.87 12.82
CA SER A 44 -19.54 -2.11 13.99
C SER A 44 -18.07 -1.71 13.90
N ALA A 45 -17.78 -0.45 14.20
CA ALA A 45 -16.40 0.05 14.25
C ALA A 45 -15.62 -0.47 15.48
N THR A 46 -16.37 -0.89 16.50
CA THR A 46 -15.79 -1.30 17.77
C THR A 46 -16.20 -2.71 18.13
N ILE A 47 -15.41 -3.33 19.01
CA ILE A 47 -15.69 -4.66 19.53
C ILE A 47 -16.66 -4.54 20.69
N SER A 48 -17.73 -5.32 20.66
CA SER A 48 -18.76 -5.30 21.70
C SER A 48 -18.49 -6.36 22.78
N PHE A 49 -18.64 -5.96 24.04
CA PHE A 49 -18.62 -6.88 25.16
C PHE A 49 -19.98 -7.53 25.26
N THR A 50 -19.99 -8.85 25.42
CA THR A 50 -21.22 -9.60 25.65
C THR A 50 -21.32 -10.09 27.12
N LYS A 51 -20.31 -9.79 27.93
CA LYS A 51 -20.38 -9.93 29.38
C LYS A 51 -19.94 -8.64 30.04
N PRO A 52 -20.39 -8.41 31.29
CA PRO A 52 -19.90 -7.24 32.04
C PRO A 52 -18.40 -7.24 32.33
N TRP A 53 -17.79 -8.44 32.41
CA TRP A 53 -16.36 -8.62 32.74
C TRP A 53 -15.46 -8.82 31.50
N SER A 54 -16.00 -8.61 30.31
CA SER A 54 -15.28 -8.86 29.06
C SER A 54 -14.00 -8.03 28.84
N GLN A 55 -13.87 -6.91 29.54
CA GLN A 55 -12.61 -6.15 29.52
C GLN A 55 -11.52 -6.82 30.35
N GLY A 56 -11.89 -7.78 31.20
CA GLY A 56 -10.94 -8.47 32.06
C GLY A 56 -10.34 -7.54 33.10
N LYS A 57 -9.03 -7.65 33.30
CA LYS A 57 -8.28 -6.77 34.21
C LYS A 57 -7.54 -5.68 33.44
N LEU A 58 -7.85 -5.49 32.15
CA LEU A 58 -7.26 -4.40 31.39
C LEU A 58 -7.89 -3.05 31.75
N SER A 59 -7.04 -2.09 32.09
CA SER A 59 -7.43 -0.68 32.16
C SER A 59 -8.03 -0.21 30.84
N ASN A 60 -8.80 0.87 30.91
CA ASN A 60 -9.42 1.43 29.71
C ASN A 60 -8.39 1.83 28.64
N GLN A 61 -7.22 2.26 29.06
CA GLN A 61 -6.17 2.67 28.12
C GLN A 61 -5.59 1.45 27.37
N GLN A 62 -5.32 0.38 28.11
CA GLN A 62 -4.83 -0.86 27.50
C GLN A 62 -5.86 -1.45 26.51
N TRP A 63 -7.13 -1.44 26.89
CA TRP A 63 -8.20 -1.88 26.00
C TRP A 63 -8.26 -1.06 24.71
N GLU A 64 -8.22 0.27 24.82
CA GLU A 64 -8.33 1.15 23.63
C GLU A 64 -7.19 0.88 22.65
N LYS A 65 -5.98 0.72 23.19
CA LYS A 65 -4.79 0.40 22.38
C LYS A 65 -4.93 -0.91 21.64
N LEU A 66 -5.49 -1.90 22.35
CA LEU A 66 -5.71 -3.23 21.82
C LEU A 66 -6.80 -3.21 20.76
N GLN A 67 -7.94 -2.60 21.09
CA GLN A 67 -9.00 -2.40 20.12
C GLN A 67 -8.47 -1.73 18.87
N HIS A 68 -7.67 -0.69 19.05
CA HIS A 68 -7.14 0.07 17.91
C HIS A 68 -6.25 -0.81 16.99
N MET A 69 -5.45 -1.69 17.59
CA MET A 69 -4.66 -2.62 16.79
C MET A 69 -5.56 -3.57 15.98
N PHE A 70 -6.64 -4.06 16.58
CA PHE A 70 -7.61 -4.89 15.86
C PHE A 70 -8.31 -4.12 14.75
N GLN A 71 -8.70 -2.89 15.03
CA GLN A 71 -9.33 -2.05 14.00
C GLN A 71 -8.48 -1.92 12.75
N VAL A 72 -7.19 -1.66 12.94
CA VAL A 72 -6.25 -1.53 11.82
C VAL A 72 -6.08 -2.89 11.12
N TYR A 73 -5.93 -3.94 11.92
CA TYR A 73 -5.86 -5.29 11.41
C TYR A 73 -7.03 -5.65 10.47
N ARG A 74 -8.26 -5.37 10.88
CA ARG A 74 -9.40 -5.76 10.08
C ARG A 74 -9.43 -5.11 8.68
N VAL A 75 -9.17 -3.81 8.61
CA VAL A 75 -9.07 -3.09 7.33
C VAL A 75 -7.89 -3.59 6.50
N SER A 76 -6.76 -3.86 7.15
CA SER A 76 -5.55 -4.30 6.47
C SER A 76 -5.69 -5.73 5.95
N PHE A 77 -6.08 -6.64 6.83
CA PHE A 77 -6.44 -8.01 6.44
C PHE A 77 -7.28 -8.05 5.16
N THR A 78 -8.32 -7.24 5.10
CA THR A 78 -9.19 -7.22 3.98
C THR A 78 -8.52 -6.84 2.70
N ARG A 79 -7.70 -5.81 2.72
CA ARG A 79 -6.98 -5.41 1.55
C ARG A 79 -5.92 -6.41 1.17
N ASP A 80 -5.32 -7.05 2.15
CA ASP A 80 -4.31 -8.06 1.90
C ASP A 80 -4.81 -9.31 1.19
N ILE A 81 -5.94 -9.85 1.61
CA ILE A 81 -6.56 -10.99 0.95
C ILE A 81 -6.85 -10.63 -0.50
N GLN A 82 -7.57 -9.54 -0.72
CA GLN A 82 -7.88 -9.06 -2.08
C GLN A 82 -6.64 -8.95 -2.96
N GLU A 83 -5.54 -8.52 -2.35
CA GLU A 83 -4.30 -8.34 -3.05
C GLU A 83 -3.56 -9.65 -3.28
N LEU A 84 -3.63 -10.56 -2.31
CA LEU A 84 -3.10 -11.92 -2.52
C LEU A 84 -3.83 -12.63 -3.67
N VAL A 85 -5.14 -12.44 -3.77
CA VAL A 85 -5.91 -13.01 -4.88
C VAL A 85 -5.41 -12.51 -6.23
N LYS A 86 -5.13 -11.21 -6.35
CA LYS A 86 -4.48 -10.66 -7.56
C LYS A 86 -3.12 -11.32 -7.88
N MET A 87 -2.34 -11.59 -6.84
CA MET A 87 -1.04 -12.23 -6.96
C MET A 87 -1.08 -13.67 -7.48
N MET A 88 -2.10 -14.45 -7.13
CA MET A 88 -2.17 -15.88 -7.50
C MET A 88 -2.99 -16.20 -8.73
N SER A 89 -3.77 -15.23 -9.21
CA SER A 89 -4.73 -15.47 -10.29
C SER A 89 -4.01 -15.65 -11.65
N PRO A 90 -4.62 -16.37 -12.60
CA PRO A 90 -6.02 -16.90 -12.52
C PRO A 90 -6.23 -18.20 -11.70
N LYS A 91 -5.16 -18.76 -11.12
CA LYS A 91 -5.21 -20.04 -10.38
C LYS A 91 -6.27 -20.08 -9.29
N GLU A 92 -6.15 -19.18 -8.30
CA GLU A 92 -7.17 -19.05 -7.24
C GLU A 92 -8.05 -17.84 -7.50
N ASP A 93 -9.33 -17.96 -7.12
CA ASP A 93 -10.32 -16.92 -7.38
C ASP A 93 -11.61 -17.04 -6.52
N TYR A 94 -12.37 -15.95 -6.51
CA TYR A 94 -13.57 -15.77 -5.68
C TYR A 94 -14.70 -16.74 -6.08
N PRO A 95 -15.64 -17.10 -5.19
CA PRO A 95 -15.71 -16.66 -3.78
C PRO A 95 -14.70 -17.32 -2.84
N ILE A 96 -14.34 -16.62 -1.77
CA ILE A 96 -13.34 -17.10 -0.81
C ILE A 96 -13.88 -16.97 0.60
N GLU A 97 -13.72 -18.04 1.38
CA GLU A 97 -14.03 -18.05 2.82
C GLU A 97 -12.72 -18.23 3.57
N ILE A 98 -12.43 -17.34 4.50
CA ILE A 98 -11.26 -17.48 5.38
C ILE A 98 -11.72 -17.52 6.82
N GLN A 99 -11.20 -18.49 7.58
CA GLN A 99 -11.49 -18.59 9.00
C GLN A 99 -10.20 -18.55 9.79
N LEU A 100 -10.20 -17.79 10.88
CA LEU A 100 -9.09 -17.76 11.83
C LEU A 100 -9.56 -18.25 13.16
N SER A 101 -8.75 -19.06 13.81
CA SER A 101 -8.95 -19.43 15.19
C SER A 101 -7.66 -19.16 15.93
N ALA A 102 -7.70 -18.18 16.83
CA ALA A 102 -6.55 -17.76 17.60
C ALA A 102 -6.91 -17.69 19.08
N GLY A 103 -5.91 -17.89 19.92
CA GLY A 103 -6.09 -17.72 21.34
C GLY A 103 -5.17 -18.61 22.11
N CYS A 104 -5.59 -18.98 23.31
CA CYS A 104 -4.74 -19.75 24.18
C CYS A 104 -5.53 -20.69 25.08
N GLU A 105 -4.87 -21.77 25.48
CA GLU A 105 -5.42 -22.77 26.38
C GLU A 105 -4.69 -22.59 27.72
N MET A 106 -5.43 -22.35 28.80
CA MET A 106 -4.84 -22.06 30.12
C MET A 106 -4.76 -23.30 31.00
N TYR A 107 -3.55 -23.60 31.46
CA TYR A 107 -3.27 -24.73 32.36
C TYR A 107 -3.03 -24.20 33.79
N PRO A 108 -3.01 -25.10 34.81
CA PRO A 108 -2.74 -24.61 36.16
C PRO A 108 -1.32 -24.04 36.31
N GLY A 109 -1.22 -22.96 37.07
CA GLY A 109 0.07 -22.44 37.50
C GLY A 109 0.90 -21.82 36.38
N ASN A 110 0.40 -20.69 35.85
CA ASN A 110 1.15 -19.82 34.91
C ASN A 110 1.58 -20.48 33.57
N ALA A 111 1.00 -21.62 33.22
CA ALA A 111 1.31 -22.32 31.96
C ALA A 111 0.20 -22.07 30.92
N SER A 112 0.60 -21.99 29.64
CA SER A 112 -0.34 -21.86 28.53
C SER A 112 0.30 -22.22 27.18
N GLU A 113 -0.55 -22.62 26.24
CA GLU A 113 -0.18 -22.77 24.83
C GLU A 113 -1.04 -21.82 24.05
N SER A 114 -0.42 -20.95 23.27
CA SER A 114 -1.15 -20.09 22.34
C SER A 114 -1.18 -20.71 20.96
N PHE A 115 -2.17 -20.32 20.16
CA PHE A 115 -2.31 -20.82 18.80
C PHE A 115 -2.89 -19.77 17.87
N LEU A 116 -2.61 -19.91 16.58
CA LEU A 116 -3.20 -19.10 15.52
C LEU A 116 -3.30 -19.97 14.27
N HIS A 117 -4.51 -20.44 13.98
CA HIS A 117 -4.76 -21.34 12.86
C HIS A 117 -5.65 -20.67 11.85
N VAL A 118 -5.33 -20.86 10.57
CA VAL A 118 -6.03 -20.22 9.47
C VAL A 118 -6.57 -21.31 8.56
N ALA A 119 -7.85 -21.23 8.19
CA ALA A 119 -8.42 -22.13 7.19
C ALA A 119 -8.84 -21.37 5.94
N PHE A 120 -8.76 -22.06 4.81
CA PHE A 120 -9.05 -21.51 3.49
C PHE A 120 -10.04 -22.44 2.79
N GLN A 121 -11.21 -21.91 2.42
CA GLN A 121 -12.32 -22.72 1.89
C GLN A 121 -12.64 -23.94 2.78
N GLY A 122 -12.60 -23.75 4.09
CA GLY A 122 -12.98 -24.78 5.06
C GLY A 122 -11.89 -25.75 5.49
N LYS A 123 -10.64 -25.55 5.03
CA LYS A 123 -9.54 -26.47 5.33
C LYS A 123 -8.41 -25.74 6.04
N TYR A 124 -7.96 -26.31 7.14
CA TYR A 124 -6.81 -25.78 7.89
C TYR A 124 -5.56 -25.87 7.01
N VAL A 125 -4.97 -24.72 6.70
CA VAL A 125 -3.81 -24.66 5.79
C VAL A 125 -2.56 -23.97 6.34
N VAL A 126 -2.74 -23.00 7.23
CA VAL A 126 -1.66 -22.12 7.69
C VAL A 126 -1.76 -21.94 9.20
N ARG A 127 -0.62 -21.81 9.87
CA ARG A 127 -0.60 -21.38 11.26
C ARG A 127 0.57 -20.47 11.49
N PHE A 128 0.49 -19.68 12.56
CA PHE A 128 1.63 -18.94 13.07
C PHE A 128 2.30 -19.83 14.10
N TRP A 129 3.59 -20.06 13.93
CA TRP A 129 4.36 -20.93 14.82
C TRP A 129 5.74 -20.32 15.02
N GLY A 130 6.11 -20.14 16.27
CA GLY A 130 7.39 -19.55 16.60
C GLY A 130 7.45 -18.07 16.30
N THR A 131 8.09 -17.73 15.18
CA THR A 131 8.24 -16.34 14.72
C THR A 131 7.74 -16.15 13.29
N SER A 132 6.99 -17.12 12.76
CA SER A 132 6.60 -17.02 11.37
C SER A 132 5.34 -17.82 11.01
N TRP A 133 4.80 -17.49 9.83
CA TRP A 133 3.72 -18.23 9.24
C TRP A 133 4.29 -19.44 8.51
N GLN A 134 3.57 -20.54 8.57
CA GLN A 134 3.93 -21.73 7.83
C GLN A 134 2.69 -22.50 7.41
N THR A 135 2.83 -23.24 6.31
CA THR A 135 1.77 -24.15 5.91
C THR A 135 1.87 -25.40 6.75
N VAL A 136 0.75 -26.08 6.92
CA VAL A 136 0.68 -27.34 7.63
C VAL A 136 0.61 -28.49 6.61
N PRO A 137 0.76 -29.75 7.06
CA PRO A 137 0.68 -30.85 6.09
C PRO A 137 -0.67 -30.96 5.37
N GLY A 138 -0.62 -31.24 4.07
CA GLY A 138 -1.81 -31.26 3.21
C GLY A 138 -2.13 -29.97 2.47
N ALA A 139 -1.39 -28.90 2.77
CA ALA A 139 -1.69 -27.59 2.20
C ALA A 139 -1.19 -27.61 0.78
N PRO A 140 -1.92 -26.95 -0.15
CA PRO A 140 -1.44 -26.89 -1.52
C PRO A 140 -0.19 -26.03 -1.61
N SER A 141 0.70 -26.39 -2.53
CA SER A 141 1.99 -25.74 -2.60
C SER A 141 1.98 -24.27 -3.08
N TRP A 142 0.90 -23.82 -3.74
CA TRP A 142 0.78 -22.41 -4.18
C TRP A 142 0.78 -21.39 -3.03
N LEU A 143 0.41 -21.85 -1.83
CA LEU A 143 0.46 -21.05 -0.63
C LEU A 143 1.87 -20.63 -0.21
N ASP A 144 2.90 -21.32 -0.68
CA ASP A 144 4.28 -20.91 -0.42
C ASP A 144 4.61 -19.46 -0.81
N LEU A 145 3.96 -18.93 -1.85
CA LEU A 145 4.17 -17.51 -2.21
C LEU A 145 3.52 -16.52 -1.21
N PRO A 146 2.22 -16.66 -0.92
CA PRO A 146 1.60 -15.90 0.16
C PRO A 146 2.35 -15.98 1.50
N ILE A 147 2.77 -17.18 1.92
CA ILE A 147 3.56 -17.36 3.14
C ILE A 147 4.85 -16.53 3.08
N LYS A 148 5.52 -16.60 1.93
CA LYS A 148 6.77 -15.87 1.71
C LYS A 148 6.53 -14.37 1.82
N VAL A 149 5.43 -13.88 1.26
CA VAL A 149 5.06 -12.48 1.34
C VAL A 149 4.68 -12.05 2.77
N LEU A 150 3.80 -12.81 3.41
CA LEU A 150 3.45 -12.58 4.81
C LEU A 150 4.66 -12.61 5.75
N ASN A 151 5.58 -13.55 5.53
CA ASN A 151 6.80 -13.63 6.36
C ASN A 151 7.79 -12.50 6.11
N ALA A 152 7.69 -11.82 4.97
CA ALA A 152 8.47 -10.61 4.72
C ALA A 152 8.15 -9.47 5.69
N ASP A 153 6.91 -9.42 6.21
CA ASP A 153 6.42 -8.35 7.08
C ASP A 153 6.90 -8.53 8.53
N GLN A 154 8.07 -7.98 8.84
CA GLN A 154 8.69 -8.15 10.16
C GLN A 154 7.85 -7.54 11.30
N GLY A 155 7.22 -6.39 11.04
CA GLY A 155 6.38 -5.72 12.02
C GLY A 155 5.10 -6.46 12.43
N THR A 156 4.43 -7.10 11.47
CA THR A 156 3.30 -7.99 11.81
C THR A 156 3.80 -9.15 12.66
N SER A 157 4.94 -9.72 12.29
CA SER A 157 5.51 -10.86 13.02
C SER A 157 5.75 -10.52 14.48
N ALA A 158 6.44 -9.42 14.73
CA ALA A 158 6.73 -8.97 16.10
C ALA A 158 5.43 -8.72 16.88
N THR A 159 4.44 -8.11 16.23
CA THR A 159 3.14 -7.88 16.88
C THR A 159 2.41 -9.18 17.20
N VAL A 160 2.34 -10.09 16.24
CA VAL A 160 1.64 -11.37 16.46
C VAL A 160 2.33 -12.14 17.59
N GLN A 161 3.67 -12.16 17.55
CA GLN A 161 4.44 -12.86 18.60
C GLN A 161 4.08 -12.37 20.00
N MET A 162 4.06 -11.03 20.14
CA MET A 162 3.68 -10.39 21.41
C MET A 162 2.23 -10.70 21.78
N LEU A 163 1.35 -10.73 20.79
CA LEU A 163 -0.04 -11.15 21.02
C LEU A 163 -0.17 -12.56 21.54
N LEU A 164 0.50 -13.50 20.88
CA LEU A 164 0.40 -14.90 21.25
C LEU A 164 1.14 -15.20 22.55
N ASN A 165 2.38 -14.74 22.68
CA ASN A 165 3.21 -15.11 23.82
C ASN A 165 2.81 -14.44 25.14
N ASP A 166 2.52 -13.14 25.09
CA ASP A 166 2.33 -12.32 26.29
C ASP A 166 0.90 -11.83 26.50
N THR A 167 0.32 -11.20 25.49
CA THR A 167 -0.99 -10.54 25.64
C THR A 167 -2.13 -11.53 25.89
N CYS A 168 -2.20 -12.64 25.15
CA CYS A 168 -3.29 -13.62 25.33
C CYS A 168 -3.29 -14.22 26.74
N PRO A 169 -2.16 -14.83 27.16
CA PRO A 169 -2.23 -15.40 28.50
C PRO A 169 -2.52 -14.39 29.60
N LEU A 170 -1.87 -13.22 29.56
CA LEU A 170 -2.13 -12.19 30.57
C LEU A 170 -3.61 -11.79 30.65
N PHE A 171 -4.19 -11.51 29.49
CA PHE A 171 -5.57 -11.07 29.35
C PHE A 171 -6.56 -12.10 29.87
N VAL A 172 -6.32 -13.36 29.50
CA VAL A 172 -7.19 -14.47 29.88
C VAL A 172 -7.12 -14.76 31.38
N ARG A 173 -5.94 -14.70 32.00
CA ARG A 173 -5.82 -14.83 33.45
C ARG A 173 -6.70 -13.80 34.17
N GLY A 174 -6.70 -12.57 33.66
CA GLY A 174 -7.56 -11.52 34.17
C GLY A 174 -9.03 -11.76 33.95
N LEU A 175 -9.39 -12.35 32.80
CA LEU A 175 -10.78 -12.71 32.52
C LEU A 175 -11.32 -13.78 33.47
N LEU A 176 -10.50 -14.79 33.75
CA LEU A 176 -10.88 -15.88 34.66
C LEU A 176 -11.18 -15.34 36.05
N GLU A 177 -10.39 -14.35 36.49
CA GLU A 177 -10.63 -13.68 37.75
C GLU A 177 -11.91 -12.84 37.72
N ALA A 178 -12.03 -11.95 36.74
CA ALA A 178 -13.19 -11.04 36.63
C ALA A 178 -14.52 -11.74 36.36
N GLY A 179 -14.49 -12.86 35.65
CA GLY A 179 -15.69 -13.60 35.28
C GLY A 179 -15.93 -14.88 36.05
N LYS A 180 -15.28 -14.99 37.20
CA LYS A 180 -15.30 -16.20 38.04
C LYS A 180 -16.71 -16.71 38.32
N SER A 181 -17.58 -15.81 38.77
CA SER A 181 -18.91 -16.20 39.18
C SER A 181 -19.83 -16.58 38.01
N ASP A 182 -19.59 -16.05 36.82
CA ASP A 182 -20.31 -16.54 35.62
C ASP A 182 -19.75 -17.88 35.17
N LEU A 183 -18.42 -18.03 35.28
CA LEU A 183 -17.76 -19.26 34.84
C LEU A 183 -18.11 -20.44 35.72
N GLU A 184 -18.22 -20.22 37.01
CA GLU A 184 -18.46 -21.29 37.98
C GLU A 184 -19.94 -21.47 38.31
N LYS A 185 -20.83 -20.87 37.52
CA LYS A 185 -22.28 -20.96 37.76
C LYS A 185 -22.81 -22.39 37.70
N GLN A 186 -23.88 -22.63 38.46
CA GLN A 186 -24.56 -23.94 38.47
C GLN A 186 -26.05 -23.72 38.18
N GLU A 187 -26.55 -24.35 37.11
CA GLU A 187 -27.94 -24.23 36.67
C GLU A 187 -28.57 -25.62 36.62
N LYS A 188 -29.76 -25.78 37.18
CA LYS A 188 -30.36 -27.11 37.31
C LYS A 188 -31.03 -27.60 36.02
N PRO A 189 -30.76 -28.85 35.62
CA PRO A 189 -31.57 -29.46 34.56
C PRO A 189 -32.99 -29.73 35.01
N VAL A 190 -33.94 -29.51 34.11
CA VAL A 190 -35.31 -29.96 34.26
C VAL A 190 -35.49 -31.02 33.19
N ALA A 191 -36.11 -32.14 33.56
CA ALA A 191 -36.30 -33.25 32.63
C ALA A 191 -37.77 -33.48 32.33
N TRP A 192 -38.04 -34.16 31.22
CA TRP A 192 -39.39 -34.60 30.86
C TRP A 192 -39.35 -35.72 29.82
N LEU A 193 -40.43 -36.50 29.73
CA LEU A 193 -40.44 -37.71 28.89
C LEU A 193 -41.45 -37.61 27.76
N SER A 194 -41.25 -38.45 26.75
CA SER A 194 -42.09 -38.49 25.55
C SER A 194 -41.69 -39.70 24.69
N SER A 195 -42.47 -39.96 23.63
CA SER A 195 -42.29 -41.18 22.81
C SER A 195 -42.70 -41.00 21.35
N VAL A 196 -42.25 -41.91 20.50
CA VAL A 196 -42.62 -41.96 19.07
C VAL A 196 -42.74 -43.41 18.60
N ARG A 204 -40.91 -49.08 19.02
CA ARG A 204 -41.17 -47.74 19.57
C ARG A 204 -39.91 -47.16 20.25
N GLN A 205 -39.85 -45.83 20.37
CA GLN A 205 -38.67 -45.11 20.90
C GLN A 205 -39.05 -44.09 21.99
N LEU A 206 -38.55 -44.28 23.21
CA LEU A 206 -38.72 -43.34 24.32
C LEU A 206 -37.66 -42.24 24.25
N VAL A 207 -37.96 -41.09 24.85
CA VAL A 207 -37.07 -39.92 24.84
C VAL A 207 -37.10 -39.26 26.20
N CYS A 208 -35.92 -39.08 26.79
CA CYS A 208 -35.75 -38.29 28.03
C CYS A 208 -35.07 -36.96 27.71
N HIS A 209 -35.83 -35.87 27.81
CA HIS A 209 -35.36 -34.52 27.50
C HIS A 209 -34.79 -33.95 28.77
N VAL A 210 -33.57 -33.41 28.71
CA VAL A 210 -32.95 -32.74 29.85
C VAL A 210 -32.51 -31.37 29.36
N SER A 211 -32.96 -30.30 30.04
CA SER A 211 -32.70 -28.94 29.59
C SER A 211 -32.51 -27.98 30.75
N GLY A 212 -31.70 -26.94 30.52
CA GLY A 212 -31.46 -25.89 31.51
C GLY A 212 -30.18 -26.03 32.35
N PHE A 213 -29.34 -27.02 32.05
CA PHE A 213 -28.17 -27.32 32.90
C PHE A 213 -26.88 -26.63 32.43
N TYR A 214 -26.05 -26.30 33.41
CA TYR A 214 -24.73 -25.74 33.22
C TYR A 214 -23.91 -26.07 34.48
N PRO A 215 -22.67 -26.57 34.36
CA PRO A 215 -21.92 -26.68 33.09
C PRO A 215 -22.31 -27.91 32.25
N LYS A 216 -21.55 -28.17 31.19
CA LYS A 216 -21.86 -29.23 30.23
C LYS A 216 -21.85 -30.69 30.78
N PRO A 217 -20.88 -31.04 31.67
CA PRO A 217 -20.84 -32.42 32.21
C PRO A 217 -22.16 -32.87 32.86
N VAL A 218 -22.76 -33.91 32.30
CA VAL A 218 -24.06 -34.44 32.76
C VAL A 218 -24.13 -35.93 32.43
N TRP A 219 -24.85 -36.68 33.27
CA TRP A 219 -25.05 -38.12 33.08
C TRP A 219 -26.55 -38.41 32.98
N VAL A 220 -26.95 -39.09 31.92
CA VAL A 220 -28.36 -39.47 31.73
C VAL A 220 -28.46 -40.90 31.23
N MET A 221 -29.28 -41.71 31.91
CA MET A 221 -29.48 -43.12 31.57
C MET A 221 -30.90 -43.60 31.88
N TRP A 222 -31.44 -44.40 30.96
CA TRP A 222 -32.68 -45.13 31.22
C TRP A 222 -32.42 -46.32 32.15
N MET A 223 -33.38 -46.62 33.01
CA MET A 223 -33.23 -47.65 34.04
C MET A 223 -34.53 -48.37 34.39
N ARG A 224 -34.44 -49.68 34.65
CA ARG A 224 -35.50 -50.40 35.38
C ARG A 224 -35.03 -50.62 36.83
N GLY A 225 -35.64 -49.89 37.75
CA GLY A 225 -35.33 -49.99 39.18
C GLY A 225 -33.96 -49.41 39.48
N ASP A 226 -32.94 -50.26 39.42
CA ASP A 226 -31.54 -49.85 39.55
C ASP A 226 -30.65 -50.69 38.61
N GLN A 227 -31.05 -50.74 37.35
CA GLN A 227 -30.35 -51.49 36.31
C GLN A 227 -30.23 -50.63 35.05
N GLU A 228 -29.03 -50.13 34.77
CA GLU A 228 -28.75 -49.28 33.61
C GLU A 228 -29.13 -49.97 32.30
N GLN A 229 -30.11 -49.41 31.59
CA GLN A 229 -30.50 -49.95 30.29
C GLN A 229 -29.45 -49.57 29.25
N GLN A 230 -28.68 -50.55 28.82
CA GLN A 230 -27.50 -50.31 27.98
C GLN A 230 -27.83 -49.90 26.53
N GLY A 231 -29.08 -50.07 26.09
CA GLY A 231 -29.53 -49.56 24.79
C GLY A 231 -29.66 -48.03 24.68
N THR A 232 -29.56 -47.32 25.80
CA THR A 232 -29.58 -45.83 25.84
C THR A 232 -28.60 -45.17 24.84
N HIS A 233 -29.13 -44.31 23.98
CA HIS A 233 -28.33 -43.49 23.06
C HIS A 233 -28.54 -42.02 23.37
N ARG A 234 -27.54 -41.39 24.00
CA ARG A 234 -27.53 -39.94 24.17
C ARG A 234 -27.21 -39.23 22.85
N GLY A 235 -27.96 -38.17 22.57
CA GLY A 235 -27.73 -37.34 21.39
C GLY A 235 -26.67 -36.29 21.69
N ASP A 236 -26.54 -35.30 20.81
CA ASP A 236 -25.54 -34.25 21.00
C ASP A 236 -25.98 -33.25 22.07
N PHE A 237 -25.01 -32.50 22.58
CA PHE A 237 -25.28 -31.35 23.43
C PHE A 237 -25.73 -30.17 22.54
N LEU A 238 -26.95 -29.68 22.76
CA LEU A 238 -27.54 -28.60 21.98
C LEU A 238 -27.66 -27.38 22.85
N PRO A 239 -27.32 -26.19 22.32
CA PRO A 239 -27.39 -24.98 23.15
C PRO A 239 -28.79 -24.38 23.28
N ASN A 240 -29.07 -23.82 24.45
CA ASN A 240 -30.19 -22.92 24.65
C ASN A 240 -29.72 -21.47 24.46
N ALA A 241 -30.67 -20.57 24.21
CA ALA A 241 -30.36 -19.13 24.04
C ALA A 241 -29.83 -18.41 25.29
N ASP A 242 -30.05 -18.99 26.47
CA ASP A 242 -29.68 -18.39 27.77
C ASP A 242 -28.40 -18.97 28.39
N GLU A 243 -27.53 -19.52 27.55
CA GLU A 243 -26.24 -20.10 27.98
C GLU A 243 -26.43 -21.25 28.99
N THR A 244 -27.35 -22.14 28.65
CA THR A 244 -27.52 -23.42 29.33
C THR A 244 -27.59 -24.45 28.22
N TRP A 245 -27.57 -25.73 28.59
CA TRP A 245 -27.48 -26.83 27.63
C TRP A 245 -28.72 -27.71 27.60
N TYR A 246 -28.89 -28.38 26.46
CA TYR A 246 -29.98 -29.29 26.23
C TYR A 246 -29.41 -30.63 25.75
N LEU A 247 -29.94 -31.73 26.29
CA LEU A 247 -29.55 -33.08 25.85
C LEU A 247 -30.75 -34.01 25.91
N GLN A 248 -30.84 -34.91 24.93
CA GLN A 248 -31.88 -35.93 24.92
C GLN A 248 -31.31 -37.35 24.81
N ALA A 249 -31.79 -38.22 25.70
CA ALA A 249 -31.38 -39.62 25.78
C ALA A 249 -32.54 -40.51 25.34
N THR A 250 -32.35 -41.25 24.25
CA THR A 250 -33.40 -42.11 23.67
C THR A 250 -33.22 -43.58 24.04
N LEU A 251 -34.26 -44.39 23.81
CA LEU A 251 -34.19 -45.85 24.04
C LEU A 251 -35.24 -46.59 23.22
N ASP A 252 -34.81 -47.49 22.34
CA ASP A 252 -35.75 -48.33 21.58
C ASP A 252 -36.31 -49.42 22.47
N VAL A 253 -37.64 -49.57 22.47
CA VAL A 253 -38.34 -50.57 23.29
C VAL A 253 -39.51 -51.20 22.54
N GLU A 254 -39.92 -52.37 23.02
CA GLU A 254 -41.08 -53.08 22.47
C GLU A 254 -42.35 -52.40 23.00
N ALA A 255 -43.35 -52.26 22.12
CA ALA A 255 -44.65 -51.70 22.49
C ALA A 255 -45.26 -52.56 23.61
N GLY A 256 -45.76 -51.91 24.66
CA GLY A 256 -46.26 -52.59 25.85
C GLY A 256 -45.22 -52.80 26.95
N GLU A 257 -43.93 -52.71 26.63
CA GLU A 257 -42.83 -53.01 27.57
C GLU A 257 -42.20 -51.74 28.19
N GLU A 258 -43.04 -50.78 28.56
CA GLU A 258 -42.59 -49.51 29.13
C GLU A 258 -42.81 -49.39 30.64
N ALA A 259 -43.43 -50.40 31.25
CA ALA A 259 -43.74 -50.36 32.69
C ALA A 259 -42.47 -50.49 33.51
N GLY A 260 -42.27 -49.58 34.46
CA GLY A 260 -41.09 -49.60 35.35
C GLY A 260 -39.81 -49.01 34.80
N LEU A 261 -39.79 -48.55 33.55
CA LEU A 261 -38.65 -47.77 33.01
C LEU A 261 -38.65 -46.38 33.63
N ALA A 262 -37.46 -45.91 33.98
CA ALA A 262 -37.26 -44.55 34.52
C ALA A 262 -36.06 -43.87 33.84
N CYS A 263 -36.05 -42.54 33.86
CA CYS A 263 -34.91 -41.77 33.39
C CYS A 263 -34.24 -41.13 34.60
N ARG A 264 -32.96 -41.46 34.81
CA ARG A 264 -32.18 -40.89 35.90
C ARG A 264 -31.20 -39.86 35.35
N VAL A 265 -31.12 -38.70 36.02
CA VAL A 265 -30.24 -37.61 35.58
C VAL A 265 -29.36 -37.17 36.74
N LYS A 266 -28.05 -37.20 36.53
CA LYS A 266 -27.06 -36.69 37.51
C LYS A 266 -26.40 -35.45 36.95
N HIS A 267 -26.30 -34.41 37.78
CA HIS A 267 -25.60 -33.19 37.44
C HIS A 267 -25.11 -32.48 38.71
N SER A 268 -23.99 -31.77 38.57
CA SER A 268 -23.33 -31.09 39.68
C SER A 268 -24.20 -30.05 40.39
N SER A 269 -25.15 -29.47 39.68
CA SER A 269 -26.08 -28.49 40.24
C SER A 269 -27.09 -29.08 41.24
N LEU A 270 -27.37 -30.38 41.12
CA LEU A 270 -28.38 -31.04 41.96
C LEU A 270 -27.93 -31.44 43.37
N GLY A 271 -26.61 -31.46 43.61
CA GLY A 271 -26.04 -31.68 44.95
C GLY A 271 -26.54 -32.96 45.59
N GLY A 272 -26.42 -34.07 44.86
CA GLY A 272 -26.83 -35.39 45.37
C GLY A 272 -28.26 -35.81 45.06
N GLN A 273 -29.18 -34.84 45.04
CA GLN A 273 -30.61 -35.10 44.79
C GLN A 273 -30.89 -35.26 43.30
N ASP A 274 -30.65 -36.48 42.80
CA ASP A 274 -30.87 -36.81 41.39
C ASP A 274 -32.33 -36.61 40.97
N ILE A 275 -32.53 -36.52 39.65
CA ILE A 275 -33.87 -36.47 39.07
C ILE A 275 -34.16 -37.88 38.58
N ILE A 276 -35.27 -38.44 39.04
CA ILE A 276 -35.75 -39.74 38.58
C ILE A 276 -37.17 -39.52 38.05
N LEU A 277 -37.41 -39.88 36.80
CA LEU A 277 -38.74 -39.78 36.21
C LEU A 277 -39.17 -41.17 35.73
N TYR A 278 -40.26 -41.68 36.31
CA TYR A 278 -40.82 -42.98 35.92
C TYR A 278 -41.90 -42.81 34.85
N TRP A 279 -41.88 -43.67 33.84
CA TRP A 279 -42.91 -43.67 32.78
C TRP A 279 -44.21 -44.28 33.30
N GLN B 2 -18.62 -28.16 -0.15
CA GLN B 2 -19.99 -27.78 0.29
C GLN B 2 -20.62 -28.89 1.17
N LYS B 3 -20.99 -28.55 2.40
CA LYS B 3 -21.62 -29.50 3.34
C LYS B 3 -23.09 -29.11 3.65
N THR B 4 -23.92 -30.12 3.92
CA THR B 4 -25.38 -29.98 4.17
C THR B 4 -25.70 -29.52 5.61
N PRO B 5 -26.65 -28.57 5.77
CA PRO B 5 -27.02 -28.17 7.13
C PRO B 5 -27.91 -29.18 7.87
N GLN B 6 -27.46 -29.65 9.04
CA GLN B 6 -28.32 -30.40 9.98
C GLN B 6 -29.15 -29.42 10.81
N ILE B 7 -30.44 -29.71 10.97
CA ILE B 7 -31.37 -28.84 11.69
C ILE B 7 -32.04 -29.60 12.82
N GLN B 8 -32.14 -28.99 14.00
CA GLN B 8 -32.72 -29.64 15.17
C GLN B 8 -33.61 -28.65 15.92
N VAL B 9 -34.89 -28.99 16.06
CA VAL B 9 -35.87 -28.11 16.69
C VAL B 9 -36.20 -28.70 18.05
N TYR B 10 -36.23 -27.86 19.09
CA TYR B 10 -36.44 -28.31 20.46
C TYR B 10 -36.85 -27.15 21.37
N SER B 11 -37.61 -27.45 22.41
CA SER B 11 -38.16 -26.43 23.31
C SER B 11 -37.25 -26.29 24.52
N ARG B 12 -37.14 -25.07 25.04
CA ARG B 12 -36.33 -24.76 26.23
C ARG B 12 -36.90 -25.43 27.48
N HIS B 13 -38.19 -25.24 27.71
CA HIS B 13 -38.90 -25.76 28.88
C HIS B 13 -39.79 -26.90 28.46
N PRO B 14 -40.31 -27.68 29.43
CA PRO B 14 -41.25 -28.76 29.04
C PRO B 14 -42.53 -28.20 28.37
N PRO B 15 -42.93 -28.76 27.20
CA PRO B 15 -44.08 -28.24 26.45
C PRO B 15 -45.44 -28.57 27.08
N GLU B 16 -46.17 -27.51 27.43
CA GLU B 16 -47.55 -27.62 27.93
C GLU B 16 -48.45 -26.70 27.10
N ASN B 17 -49.52 -27.28 26.57
CA ASN B 17 -50.46 -26.52 25.73
C ASN B 17 -51.02 -25.37 26.53
N GLY B 18 -51.03 -24.17 25.92
CA GLY B 18 -51.46 -22.96 26.61
C GLY B 18 -50.35 -22.18 27.27
N LYS B 19 -49.24 -22.82 27.61
CA LYS B 19 -48.20 -22.20 28.45
C LYS B 19 -47.06 -21.60 27.61
N PRO B 20 -46.70 -20.30 27.83
CA PRO B 20 -45.54 -19.70 27.16
C PRO B 20 -44.20 -20.44 27.34
N ASN B 21 -43.37 -20.36 26.30
CA ASN B 21 -42.16 -21.18 26.18
C ASN B 21 -41.20 -20.53 25.15
N ILE B 22 -40.05 -21.15 24.89
CA ILE B 22 -39.13 -20.73 23.85
C ILE B 22 -38.81 -21.93 22.97
N LEU B 23 -38.82 -21.70 21.65
CA LEU B 23 -38.55 -22.72 20.66
C LEU B 23 -37.22 -22.40 19.97
N ASN B 24 -36.31 -23.37 19.97
CA ASN B 24 -34.96 -23.21 19.46
C ASN B 24 -34.82 -23.94 18.14
N CYS B 25 -34.07 -23.32 17.23
CA CYS B 25 -33.68 -23.98 15.99
C CYS B 25 -32.17 -23.90 15.84
N TYR B 26 -31.51 -25.06 15.90
CA TYR B 26 -30.06 -25.17 15.88
C TYR B 26 -29.63 -25.73 14.53
N VAL B 27 -28.97 -24.90 13.74
CA VAL B 27 -28.49 -25.25 12.41
C VAL B 27 -26.96 -25.41 12.49
N THR B 28 -26.46 -26.54 12.01
CA THR B 28 -25.05 -26.92 12.18
C THR B 28 -24.51 -27.54 10.92
N GLN B 29 -23.19 -27.72 10.91
CA GLN B 29 -22.47 -28.53 9.92
C GLN B 29 -22.58 -28.03 8.47
N PHE B 30 -22.67 -26.72 8.27
CA PHE B 30 -22.82 -26.14 6.92
C PHE B 30 -21.60 -25.30 6.49
N HIS B 31 -21.45 -25.13 5.18
CA HIS B 31 -20.36 -24.36 4.57
C HIS B 31 -20.75 -24.16 3.11
N PRO B 32 -20.75 -22.94 2.55
CA PRO B 32 -20.27 -21.69 3.16
C PRO B 32 -21.22 -21.06 4.20
N PRO B 33 -20.77 -20.00 4.91
CA PRO B 33 -21.58 -19.41 5.99
C PRO B 33 -22.88 -18.68 5.61
N HIS B 34 -23.08 -18.31 4.33
CA HIS B 34 -24.30 -17.61 3.93
C HIS B 34 -25.49 -18.57 4.06
N ILE B 35 -26.52 -18.16 4.80
CA ILE B 35 -27.66 -19.03 5.12
C ILE B 35 -28.89 -18.19 5.48
N GLU B 36 -30.07 -18.72 5.19
CA GLU B 36 -31.33 -18.06 5.53
C GLU B 36 -32.13 -19.03 6.40
N ILE B 37 -32.49 -18.56 7.60
CA ILE B 37 -33.20 -19.37 8.60
C ILE B 37 -34.51 -18.65 8.92
N GLN B 38 -35.62 -19.38 8.85
CA GLN B 38 -36.93 -18.85 9.18
C GLN B 38 -37.58 -19.80 10.17
N MET B 39 -38.24 -19.26 11.18
CA MET B 39 -39.07 -20.07 12.05
C MET B 39 -40.53 -19.83 11.67
N LEU B 40 -41.27 -20.93 11.46
CA LEU B 40 -42.63 -20.87 10.93
C LEU B 40 -43.67 -21.32 11.96
N LYS B 41 -44.78 -20.59 11.99
CA LYS B 41 -45.98 -21.00 12.69
C LYS B 41 -47.03 -21.25 11.61
N ASN B 42 -47.50 -22.48 11.48
CA ASN B 42 -48.56 -22.84 10.51
C ASN B 42 -48.20 -22.39 9.10
N GLY B 43 -46.92 -22.51 8.76
CA GLY B 43 -46.39 -22.10 7.48
C GLY B 43 -46.04 -20.63 7.33
N LYS B 44 -46.57 -19.74 8.18
CA LYS B 44 -46.29 -18.32 8.09
C LYS B 44 -45.06 -17.96 8.94
N LYS B 45 -44.30 -16.97 8.45
CA LYS B 45 -43.03 -16.58 9.05
C LYS B 45 -43.29 -15.84 10.36
N ILE B 46 -42.67 -16.31 11.44
CA ILE B 46 -42.83 -15.71 12.77
C ILE B 46 -42.03 -14.40 12.76
N PRO B 47 -42.58 -13.32 13.37
CA PRO B 47 -41.92 -12.01 13.18
C PRO B 47 -40.68 -11.72 14.06
N LYS B 48 -40.73 -12.02 15.36
CA LYS B 48 -39.73 -11.49 16.31
C LYS B 48 -38.54 -12.44 16.62
N VAL B 49 -37.93 -13.04 15.59
CA VAL B 49 -36.97 -14.15 15.77
C VAL B 49 -35.54 -13.70 16.03
N GLU B 50 -35.00 -14.07 17.18
CA GLU B 50 -33.63 -13.73 17.55
C GLU B 50 -32.65 -14.77 17.06
N MET B 51 -31.48 -14.30 16.66
CA MET B 51 -30.40 -15.12 16.11
C MET B 51 -29.16 -14.90 16.97
N SER B 52 -28.48 -15.98 17.33
CA SER B 52 -27.16 -15.87 17.94
C SER B 52 -26.18 -15.42 16.86
N ASP B 53 -25.02 -14.92 17.28
CA ASP B 53 -23.96 -14.61 16.34
C ASP B 53 -23.45 -15.91 15.77
N MET B 54 -23.18 -15.94 14.48
CA MET B 54 -22.61 -17.15 13.88
C MET B 54 -21.20 -17.44 14.41
N SER B 55 -20.91 -18.71 14.60
CA SER B 55 -19.61 -19.17 15.07
C SER B 55 -19.26 -20.48 14.31
N PHE B 56 -18.14 -21.12 14.67
CA PHE B 56 -17.79 -22.41 14.09
C PHE B 56 -17.04 -23.29 15.08
N SER B 57 -17.07 -24.59 14.83
CA SER B 57 -16.46 -25.59 15.73
C SER B 57 -15.02 -25.90 15.34
N LYS B 58 -14.34 -26.70 16.17
CA LYS B 58 -12.98 -27.18 15.89
C LYS B 58 -12.76 -27.62 14.46
N ASP B 59 -13.74 -28.33 13.90
CA ASP B 59 -13.70 -28.82 12.51
C ASP B 59 -14.03 -27.78 11.41
N TRP B 60 -14.15 -26.50 11.78
CA TRP B 60 -14.37 -25.37 10.84
C TRP B 60 -15.78 -25.26 10.25
N SER B 61 -16.70 -26.09 10.73
CA SER B 61 -18.09 -26.08 10.27
C SER B 61 -18.88 -25.10 11.10
N PHE B 62 -19.78 -24.40 10.45
CA PHE B 62 -20.52 -23.32 11.06
C PHE B 62 -21.74 -23.83 11.85
N TYR B 63 -22.16 -23.01 12.81
CA TYR B 63 -23.40 -23.26 13.52
C TYR B 63 -24.01 -21.95 13.97
N ILE B 64 -25.33 -21.95 14.12
CA ILE B 64 -26.07 -20.78 14.55
C ILE B 64 -27.34 -21.24 15.24
N LEU B 65 -27.80 -20.45 16.20
CA LEU B 65 -28.99 -20.77 16.97
C LEU B 65 -30.02 -19.69 16.75
N ALA B 66 -31.15 -20.06 16.14
CA ALA B 66 -32.32 -19.20 16.10
C ALA B 66 -33.21 -19.59 17.27
N HIS B 67 -33.94 -18.61 17.82
CA HIS B 67 -34.96 -18.91 18.83
C HIS B 67 -36.05 -17.85 18.85
N THR B 68 -37.19 -18.23 19.39
CA THR B 68 -38.38 -17.36 19.43
C THR B 68 -39.34 -17.81 20.54
N GLU B 69 -40.10 -16.84 21.06
CA GLU B 69 -41.18 -17.12 22.01
C GLU B 69 -42.32 -17.81 21.29
N PHE B 70 -42.92 -18.80 21.93
CA PHE B 70 -44.09 -19.47 21.38
C PHE B 70 -44.91 -20.04 22.51
N THR B 71 -46.20 -20.26 22.25
CA THR B 71 -47.05 -21.05 23.15
C THR B 71 -47.61 -22.21 22.33
N PRO B 72 -47.27 -23.46 22.70
CA PRO B 72 -47.86 -24.58 21.97
C PRO B 72 -49.36 -24.77 22.21
N THR B 73 -50.02 -25.43 21.25
CA THR B 73 -51.44 -25.77 21.32
C THR B 73 -51.69 -27.14 20.70
N GLU B 74 -52.90 -27.67 20.89
CA GLU B 74 -53.35 -28.86 20.16
C GLU B 74 -53.12 -28.73 18.64
N THR B 75 -53.46 -27.57 18.09
CA THR B 75 -53.60 -27.37 16.63
C THR B 75 -52.38 -26.80 15.88
N ASP B 76 -51.71 -25.81 16.45
CA ASP B 76 -50.67 -25.06 15.73
C ASP B 76 -49.40 -25.87 15.45
N THR B 77 -48.88 -25.76 14.22
CA THR B 77 -47.61 -26.40 13.85
C THR B 77 -46.45 -25.38 13.82
N TYR B 78 -45.29 -25.83 14.27
CA TYR B 78 -44.09 -25.00 14.31
C TYR B 78 -42.98 -25.68 13.55
N ALA B 79 -42.21 -24.89 12.80
CA ALA B 79 -41.15 -25.46 11.94
C ALA B 79 -39.94 -24.54 11.81
N CYS B 80 -38.85 -25.12 11.33
CA CYS B 80 -37.67 -24.34 11.01
C CYS B 80 -37.30 -24.60 9.55
N ARG B 81 -37.25 -23.53 8.76
CA ARG B 81 -36.99 -23.59 7.32
C ARG B 81 -35.63 -22.98 6.97
N VAL B 82 -34.76 -23.76 6.31
CA VAL B 82 -33.41 -23.35 5.96
C VAL B 82 -33.17 -23.35 4.45
N LYS B 83 -32.71 -22.21 3.92
CA LYS B 83 -32.24 -22.13 2.55
C LYS B 83 -30.71 -22.02 2.57
N HIS B 84 -30.05 -22.85 1.76
CA HIS B 84 -28.59 -22.88 1.69
C HIS B 84 -28.15 -23.48 0.35
N ALA B 85 -27.11 -22.90 -0.24
CA ALA B 85 -26.65 -23.25 -1.60
C ALA B 85 -26.40 -24.74 -1.85
N SER B 86 -26.00 -25.47 -0.81
CA SER B 86 -25.80 -26.94 -0.85
C SER B 86 -27.07 -27.78 -1.10
N MET B 87 -28.25 -27.19 -0.90
CA MET B 87 -29.51 -27.86 -1.17
C MET B 87 -30.19 -27.18 -2.35
N ALA B 88 -30.84 -27.98 -3.20
CA ALA B 88 -31.59 -27.44 -4.34
C ALA B 88 -32.82 -26.70 -3.84
N GLU B 89 -33.62 -27.38 -3.02
CA GLU B 89 -34.82 -26.80 -2.39
C GLU B 89 -34.56 -26.47 -0.92
N PRO B 90 -35.38 -25.58 -0.33
CA PRO B 90 -35.26 -25.33 1.11
C PRO B 90 -35.72 -26.53 1.95
N LYS B 91 -35.03 -26.78 3.07
CA LYS B 91 -35.33 -27.90 3.98
C LYS B 91 -36.11 -27.42 5.19
N THR B 92 -37.11 -28.19 5.58
CA THR B 92 -38.06 -27.81 6.61
C THR B 92 -38.13 -28.96 7.62
N VAL B 93 -37.74 -28.73 8.88
CA VAL B 93 -38.00 -29.72 9.94
C VAL B 93 -39.06 -29.14 10.88
N TYR B 94 -40.03 -29.97 11.23
CA TYR B 94 -41.15 -29.58 12.08
C TYR B 94 -40.83 -29.92 13.52
N TRP B 95 -41.31 -29.08 14.43
CA TRP B 95 -41.26 -29.41 15.84
C TRP B 95 -42.20 -30.59 16.10
N ASP B 96 -41.65 -31.69 16.64
CA ASP B 96 -42.39 -32.94 16.87
C ASP B 96 -43.06 -33.01 18.28
N ARG B 97 -43.30 -31.86 18.89
CA ARG B 97 -44.18 -31.72 20.06
C ARG B 97 -43.71 -32.43 21.34
N ASP B 98 -42.48 -32.94 21.32
CA ASP B 98 -41.96 -33.85 22.34
C ASP B 98 -40.81 -33.19 23.09
N THR C 3 -5.09 13.60 -0.34
CA THR C 3 -3.62 13.71 -0.13
C THR C 3 -3.27 13.45 1.34
N GLN C 4 -2.71 12.29 1.61
CA GLN C 4 -2.42 11.85 2.96
C GLN C 4 -0.97 12.09 3.41
N VAL C 5 -0.16 12.70 2.54
CA VAL C 5 1.22 13.06 2.88
C VAL C 5 1.45 14.53 2.47
N GLU C 6 1.84 15.35 3.45
CA GLU C 6 2.05 16.79 3.26
C GLU C 6 3.46 17.20 3.69
N GLN C 7 4.07 18.06 2.90
CA GLN C 7 5.42 18.46 3.13
C GLN C 7 5.46 19.97 3.28
N SER C 8 6.30 20.42 4.20
CA SER C 8 6.53 21.83 4.48
C SER C 8 8.05 22.02 4.73
N PRO C 9 8.64 23.17 4.37
CA PRO C 9 8.07 24.19 3.50
C PRO C 9 7.85 23.65 2.09
N GLN C 10 7.13 24.37 1.25
CA GLN C 10 6.98 23.97 -0.16
C GLN C 10 8.28 24.26 -0.90
N SER C 11 8.86 25.43 -0.62
CA SER C 11 10.18 25.75 -1.12
C SER C 11 10.94 26.62 -0.13
N LEU C 12 12.27 26.60 -0.24
CA LEU C 12 13.10 27.45 0.59
C LEU C 12 14.43 27.70 -0.09
N VAL C 13 14.99 28.87 0.20
CA VAL C 13 16.28 29.31 -0.30
C VAL C 13 17.19 29.45 0.92
N VAL C 14 18.38 28.86 0.86
CA VAL C 14 19.38 29.00 1.91
C VAL C 14 20.74 29.26 1.28
N ARG C 15 21.67 29.75 2.09
CA ARG C 15 23.03 29.98 1.65
C ARG C 15 23.91 28.81 2.06
N GLN C 16 24.86 28.49 1.20
CA GLN C 16 25.88 27.47 1.48
C GLN C 16 26.37 27.54 2.93
N GLY C 17 26.40 26.38 3.58
CA GLY C 17 26.93 26.27 4.93
C GLY C 17 25.88 26.35 6.01
N GLU C 18 24.68 26.80 5.64
CA GLU C 18 23.57 26.89 6.59
C GLU C 18 22.91 25.53 6.68
N ASN C 19 22.29 25.25 7.82
CA ASN C 19 21.50 24.03 8.03
C ASN C 19 20.05 24.29 7.65
N CYS C 20 19.31 23.24 7.37
CA CYS C 20 17.86 23.37 7.18
C CYS C 20 17.12 22.12 7.60
N VAL C 21 15.82 22.29 7.81
CA VAL C 21 14.94 21.25 8.34
C VAL C 21 13.73 21.17 7.44
N LEU C 22 13.40 19.96 7.04
CA LEU C 22 12.34 19.69 6.09
C LEU C 22 11.34 18.82 6.84
N GLN C 23 10.05 19.19 6.78
CA GLN C 23 8.99 18.51 7.52
C GLN C 23 8.15 17.61 6.61
N CYS C 24 7.71 16.48 7.13
CA CYS C 24 6.70 15.65 6.50
C CYS C 24 5.66 15.27 7.55
N ASN C 25 4.39 15.51 7.22
CA ASN C 25 3.27 15.09 8.06
C ASN C 25 2.33 14.23 7.23
N TYR C 26 1.81 13.18 7.84
CA TYR C 26 0.96 12.25 7.13
C TYR C 26 -0.25 11.75 7.95
N SER C 27 -1.25 11.28 7.23
CA SER C 27 -2.43 10.63 7.83
C SER C 27 -2.53 9.16 7.43
N VAL C 28 -1.59 8.66 6.62
CA VAL C 28 -1.56 7.27 6.15
C VAL C 28 -1.70 6.28 7.31
N THR C 29 -2.54 5.25 7.13
CA THR C 29 -2.78 4.20 8.14
C THR C 29 -2.88 2.83 7.50
N PRO C 30 -2.13 1.82 7.95
CA PRO C 30 -1.03 1.94 8.91
C PRO C 30 0.20 2.53 8.25
N ASP C 31 1.22 2.80 9.07
CA ASP C 31 2.46 3.45 8.64
C ASP C 31 3.64 2.57 9.04
N ASN C 32 4.04 1.70 8.11
CA ASN C 32 5.13 0.75 8.36
C ASN C 32 6.49 1.45 8.35
N HIS C 33 6.72 2.30 7.35
CA HIS C 33 8.00 2.98 7.22
C HIS C 33 7.86 4.26 6.39
N LEU C 34 8.86 5.12 6.54
CA LEU C 34 8.94 6.38 5.81
C LEU C 34 10.31 6.51 5.15
N ARG C 35 10.32 6.87 3.88
CA ARG C 35 11.54 7.06 3.12
C ARG C 35 11.67 8.49 2.66
N TRP C 36 12.90 9.00 2.71
CA TRP C 36 13.20 10.30 2.12
C TRP C 36 14.01 10.13 0.83
N PHE C 37 13.56 10.77 -0.25
CA PHE C 37 14.20 10.70 -1.55
C PHE C 37 14.77 12.07 -1.90
N LYS C 38 15.89 12.09 -2.61
CA LYS C 38 16.42 13.32 -3.24
C LYS C 38 16.21 13.20 -4.74
N GLN C 39 15.65 14.23 -5.37
CA GLN C 39 15.49 14.28 -6.84
C GLN C 39 16.09 15.56 -7.40
N ASP C 40 17.24 15.45 -8.06
CA ASP C 40 17.83 16.56 -8.83
C ASP C 40 16.95 16.84 -10.02
N THR C 41 17.04 18.05 -10.55
CA THR C 41 16.22 18.49 -11.70
C THR C 41 16.51 17.61 -12.92
N GLY C 42 15.44 17.03 -13.47
CA GLY C 42 15.51 16.12 -14.62
C GLY C 42 16.00 14.71 -14.33
N LYS C 43 16.22 14.38 -13.06
CA LYS C 43 16.84 13.13 -12.67
C LYS C 43 15.79 12.25 -11.99
N GLY C 44 16.26 11.20 -11.33
CA GLY C 44 15.41 10.25 -10.64
C GLY C 44 15.62 10.24 -9.14
N LEU C 45 15.09 9.21 -8.53
CA LEU C 45 14.87 9.19 -7.10
C LEU C 45 16.05 8.50 -6.48
N VAL C 46 16.80 9.22 -5.66
CA VAL C 46 17.90 8.66 -4.88
C VAL C 46 17.42 8.58 -3.44
N SER C 47 17.33 7.38 -2.87
CA SER C 47 16.98 7.19 -1.46
C SER C 47 18.03 7.76 -0.52
N LEU C 48 17.62 8.57 0.46
CA LEU C 48 18.54 9.10 1.48
C LEU C 48 18.57 8.28 2.77
N THR C 49 17.41 7.78 3.18
CA THR C 49 17.25 7.07 4.44
C THR C 49 15.86 6.47 4.52
N VAL C 50 15.72 5.45 5.36
CA VAL C 50 14.44 4.81 5.61
C VAL C 50 14.30 4.70 7.13
N LEU C 51 13.15 5.14 7.64
CA LEU C 51 12.87 5.11 9.07
C LEU C 51 11.71 4.14 9.26
N VAL C 52 11.89 3.22 10.21
CA VAL C 52 10.95 2.11 10.42
C VAL C 52 10.37 1.98 11.83
N ASP C 53 11.04 2.49 12.87
CA ASP C 53 10.58 2.32 14.26
C ASP C 53 9.63 3.41 14.74
N GLN C 54 8.92 3.12 15.82
CA GLN C 54 7.92 4.01 16.41
C GLN C 54 8.50 5.41 16.67
N LYS C 55 9.69 5.42 17.27
CA LYS C 55 10.49 6.61 17.52
C LYS C 55 11.85 6.31 16.93
N ASP C 56 12.09 6.74 15.70
CA ASP C 56 13.31 6.35 14.99
C ASP C 56 14.17 7.56 14.69
N LYS C 57 15.46 7.28 14.51
CA LYS C 57 16.47 8.27 14.14
C LYS C 57 17.42 7.61 13.16
N THR C 58 17.84 8.34 12.13
CA THR C 58 18.85 7.84 11.20
C THR C 58 19.81 8.95 10.86
N SER C 59 20.93 8.55 10.27
CA SER C 59 21.93 9.50 9.77
C SER C 59 22.61 8.91 8.54
N ASN C 60 23.02 9.77 7.65
CA ASN C 60 23.67 9.37 6.44
C ASN C 60 24.47 10.54 6.02
N GLY C 61 25.65 10.68 6.59
CA GLY C 61 26.52 11.80 6.30
C GLY C 61 26.00 13.08 6.88
N ARG C 62 25.69 14.03 6.02
CA ARG C 62 25.17 15.32 6.42
C ARG C 62 23.66 15.32 6.57
N TYR C 63 23.02 14.21 6.26
CA TYR C 63 21.60 14.08 6.42
C TYR C 63 21.26 13.33 7.65
N SER C 64 20.37 13.86 8.44
CA SER C 64 19.84 13.08 9.55
C SER C 64 18.32 13.22 9.55
N ALA C 65 17.65 12.22 10.09
CA ALA C 65 16.19 12.21 10.08
C ALA C 65 15.63 11.63 11.35
N THR C 66 14.37 11.97 11.64
CA THR C 66 13.62 11.44 12.75
C THR C 66 12.22 11.04 12.29
N LEU C 67 11.60 10.12 13.02
CA LEU C 67 10.22 9.73 12.80
C LEU C 67 9.57 9.53 14.15
N ASP C 68 8.41 10.13 14.33
CA ASP C 68 7.53 9.82 15.45
C ASP C 68 6.19 9.34 14.88
N LYS C 69 5.88 8.07 15.07
CA LYS C 69 4.64 7.49 14.54
C LYS C 69 3.40 7.88 15.30
N ASP C 70 3.51 8.23 16.59
CA ASP C 70 2.35 8.73 17.32
C ASP C 70 1.84 10.04 16.70
N ALA C 71 2.76 10.96 16.47
CA ALA C 71 2.47 12.25 15.85
C ALA C 71 2.36 12.22 14.31
N LYS C 72 2.81 11.14 13.68
CA LYS C 72 2.79 11.00 12.21
C LYS C 72 3.55 12.13 11.55
N HIS C 73 4.80 12.24 11.98
CA HIS C 73 5.63 13.35 11.66
C HIS C 73 7.07 12.89 11.47
N SER C 74 7.69 13.36 10.38
CA SER C 74 9.13 13.16 10.14
C SER C 74 9.80 14.48 9.82
N THR C 75 11.07 14.62 10.20
CA THR C 75 11.91 15.71 9.74
C THR C 75 13.21 15.19 9.11
N LEU C 76 13.65 15.82 8.04
CA LEU C 76 14.95 15.61 7.45
C LEU C 76 15.79 16.85 7.72
N HIS C 77 16.92 16.66 8.41
CA HIS C 77 17.88 17.72 8.69
C HIS C 77 19.07 17.60 7.73
N ILE C 78 19.40 18.67 7.02
CA ILE C 78 20.63 18.73 6.20
C ILE C 78 21.62 19.66 6.89
N THR C 79 22.78 19.14 7.29
CA THR C 79 23.79 19.95 7.95
C THR C 79 24.72 20.56 6.91
N ALA C 80 25.06 21.82 7.07
CA ALA C 80 26.09 22.48 6.26
C ALA C 80 25.85 22.29 4.76
N THR C 81 24.82 22.97 4.25
CA THR C 81 24.36 22.76 2.88
C THR C 81 25.43 23.08 1.85
N LEU C 82 25.43 22.31 0.76
CA LEU C 82 26.26 22.57 -0.41
C LEU C 82 25.37 22.80 -1.62
N LEU C 83 25.98 23.35 -2.67
CA LEU C 83 25.30 23.66 -3.91
C LEU C 83 24.53 22.45 -4.47
N ASP C 84 25.17 21.28 -4.46
CA ASP C 84 24.55 20.04 -4.96
C ASP C 84 23.32 19.53 -4.18
N ASP C 85 23.01 20.13 -3.02
CA ASP C 85 21.74 19.86 -2.32
C ASP C 85 20.56 20.56 -2.95
N THR C 86 20.81 21.46 -3.90
CA THR C 86 19.75 22.05 -4.71
C THR C 86 18.95 20.95 -5.40
N ALA C 87 17.73 20.73 -4.94
CA ALA C 87 16.91 19.62 -5.41
C ALA C 87 15.56 19.65 -4.73
N THR C 88 14.70 18.71 -5.13
CA THR C 88 13.42 18.50 -4.50
C THR C 88 13.55 17.28 -3.59
N TYR C 89 13.07 17.38 -2.35
CA TYR C 89 13.18 16.31 -1.37
C TYR C 89 11.80 15.76 -1.12
N ILE C 90 11.65 14.44 -1.24
CA ILE C 90 10.35 13.80 -1.26
C ILE C 90 10.23 12.79 -0.12
N CYS C 91 9.08 12.85 0.53
CA CYS C 91 8.72 12.02 1.65
C CYS C 91 7.77 10.95 1.09
N VAL C 92 7.98 9.69 1.50
CA VAL C 92 7.17 8.55 1.04
C VAL C 92 6.86 7.67 2.23
N VAL C 93 5.56 7.37 2.43
CA VAL C 93 5.11 6.45 3.49
C VAL C 93 4.60 5.14 2.89
N GLY C 94 5.14 4.03 3.40
CA GLY C 94 4.76 2.69 2.97
C GLY C 94 3.85 2.12 4.02
N ASP C 95 2.71 1.60 3.58
CA ASP C 95 1.66 1.17 4.51
C ASP C 95 1.71 -0.32 4.86
N ARG C 96 2.70 -1.04 4.35
CA ARG C 96 2.96 -2.43 4.75
C ARG C 96 4.45 -2.69 4.79
N GLY C 97 4.84 -3.65 5.61
CA GLY C 97 6.18 -4.21 5.60
C GLY C 97 6.45 -5.27 4.53
N SER C 98 5.67 -5.27 3.45
CA SER C 98 5.83 -6.19 2.35
C SER C 98 5.40 -5.55 1.02
N ALA C 99 5.55 -6.32 -0.06
CA ALA C 99 5.14 -5.92 -1.40
C ALA C 99 3.62 -5.75 -1.56
N LEU C 100 2.86 -6.22 -0.58
CA LEU C 100 1.43 -5.92 -0.47
C LEU C 100 1.10 -4.44 -0.16
N GLY C 101 2.10 -3.66 0.26
CA GLY C 101 1.92 -2.23 0.56
C GLY C 101 1.75 -1.36 -0.67
N ARG C 102 1.15 -0.19 -0.45
CA ARG C 102 1.14 0.90 -1.41
C ARG C 102 2.01 2.01 -0.82
N LEU C 103 2.70 2.73 -1.70
CA LEU C 103 3.48 3.91 -1.29
C LEU C 103 2.66 5.16 -1.46
N HIS C 104 2.74 6.06 -0.49
CA HIS C 104 2.00 7.32 -0.49
C HIS C 104 3.02 8.45 -0.55
N PHE C 105 3.09 9.12 -1.70
CA PHE C 105 4.13 10.12 -1.98
C PHE C 105 3.71 11.53 -1.63
N GLY C 106 4.57 12.27 -0.93
CA GLY C 106 4.40 13.72 -0.81
C GLY C 106 4.73 14.41 -2.14
N ALA C 107 4.30 15.64 -2.28
CA ALA C 107 4.61 16.41 -3.49
C ALA C 107 6.03 17.05 -3.46
N GLY C 108 6.74 16.95 -2.34
CA GLY C 108 8.10 17.43 -2.26
C GLY C 108 8.28 18.86 -1.76
N THR C 109 9.52 19.14 -1.34
CA THR C 109 9.96 20.44 -0.91
C THR C 109 11.11 20.84 -1.79
N GLN C 110 11.01 21.98 -2.45
CA GLN C 110 12.07 22.46 -3.33
C GLN C 110 13.14 23.25 -2.53
N LEU C 111 14.36 22.73 -2.45
CA LEU C 111 15.46 23.44 -1.79
C LEU C 111 16.39 24.10 -2.84
N ILE C 112 16.74 25.36 -2.61
CA ILE C 112 17.78 26.02 -3.40
C ILE C 112 18.86 26.51 -2.46
N VAL C 113 20.11 26.15 -2.78
CA VAL C 113 21.27 26.52 -1.98
C VAL C 113 22.10 27.52 -2.78
N ILE C 114 22.21 28.75 -2.29
CA ILE C 114 23.01 29.79 -2.95
C ILE C 114 24.49 29.61 -2.57
N PRO C 115 25.38 29.45 -3.57
CA PRO C 115 26.78 29.18 -3.28
C PRO C 115 27.57 30.43 -2.90
N ASP C 116 28.61 30.20 -2.11
CA ASP C 116 29.49 31.25 -1.61
C ASP C 116 30.58 31.50 -2.68
N ILE C 117 30.53 32.66 -3.34
CA ILE C 117 31.55 33.06 -4.31
C ILE C 117 32.64 33.84 -3.58
N GLN C 118 33.82 33.24 -3.46
CA GLN C 118 34.87 33.79 -2.60
C GLN C 118 35.55 35.02 -3.18
N ASN C 119 36.00 34.91 -4.43
CA ASN C 119 36.86 35.90 -5.05
C ASN C 119 36.25 36.40 -6.36
N PRO C 120 35.20 37.24 -6.25
CA PRO C 120 34.56 37.77 -7.46
C PRO C 120 35.49 38.63 -8.31
N ASP C 121 35.33 38.53 -9.63
CA ASP C 121 36.15 39.23 -10.62
C ASP C 121 35.24 39.55 -11.80
N PRO C 122 34.16 40.31 -11.56
CA PRO C 122 33.12 40.51 -12.58
C PRO C 122 33.61 41.10 -13.91
N ALA C 123 33.31 40.43 -15.03
CA ALA C 123 33.72 40.88 -16.35
C ALA C 123 32.70 40.53 -17.42
N VAL C 124 32.81 41.21 -18.56
CA VAL C 124 32.00 40.91 -19.74
C VAL C 124 32.93 40.69 -20.92
N TYR C 125 32.97 39.45 -21.42
CA TYR C 125 33.83 39.05 -22.52
C TYR C 125 33.04 38.79 -23.79
N GLN C 126 33.69 38.98 -24.94
CA GLN C 126 33.09 38.66 -26.24
C GLN C 126 33.71 37.36 -26.75
N LEU C 127 32.87 36.39 -27.10
CA LEU C 127 33.30 35.08 -27.62
C LEU C 127 32.84 34.93 -29.07
N ARG C 128 33.67 34.35 -29.93
CA ARG C 128 33.34 34.23 -31.36
C ARG C 128 33.07 32.78 -31.80
N ASP C 129 32.13 32.62 -32.73
CA ASP C 129 31.74 31.31 -33.30
C ASP C 129 32.94 30.66 -33.99
N SER C 130 33.14 29.37 -33.71
CA SER C 130 34.28 28.59 -34.23
C SER C 130 34.34 28.52 -35.76
N LYS C 131 33.18 28.48 -36.42
CA LYS C 131 33.11 28.43 -37.87
C LYS C 131 33.01 29.83 -38.47
N SER C 132 31.99 30.56 -38.05
CA SER C 132 31.55 31.79 -38.70
C SER C 132 31.87 33.02 -37.84
N SER C 133 33.12 33.47 -37.88
CA SER C 133 33.64 34.43 -36.89
C SER C 133 32.97 35.83 -36.86
N ASP C 134 32.15 36.17 -37.84
CA ASP C 134 31.29 37.36 -37.77
C ASP C 134 30.20 37.33 -36.67
N LYS C 135 29.83 36.14 -36.19
CA LYS C 135 28.79 35.98 -35.14
C LYS C 135 29.42 35.76 -33.74
N SER C 136 28.73 36.23 -32.69
CA SER C 136 29.31 36.25 -31.33
C SER C 136 28.30 36.22 -30.18
N VAL C 137 28.81 36.01 -28.97
CA VAL C 137 28.02 36.12 -27.73
C VAL C 137 28.82 36.93 -26.70
N CYS C 138 28.10 37.42 -25.69
CA CYS C 138 28.69 38.17 -24.60
C CYS C 138 28.52 37.43 -23.27
N LEU C 139 29.64 37.06 -22.65
CA LEU C 139 29.65 36.29 -21.41
C LEU C 139 29.95 37.21 -20.24
N PHE C 140 28.92 37.48 -19.43
CA PHE C 140 29.05 38.22 -18.17
C PHE C 140 29.34 37.18 -17.11
N THR C 141 30.53 37.18 -16.53
CA THR C 141 30.93 36.09 -15.63
C THR C 141 31.59 36.60 -14.36
N ASP C 142 31.74 35.69 -13.39
CA ASP C 142 32.51 35.91 -12.15
C ASP C 142 31.99 36.97 -11.14
N PHE C 143 30.74 37.39 -11.30
CA PHE C 143 30.03 38.18 -10.30
C PHE C 143 29.56 37.30 -9.13
N ASP C 144 29.34 37.90 -7.96
CA ASP C 144 28.87 37.15 -6.78
C ASP C 144 27.33 37.09 -6.71
N SER C 145 26.84 36.27 -5.78
CA SER C 145 25.41 35.92 -5.70
C SER C 145 24.46 37.11 -5.47
N GLN C 146 24.98 38.23 -4.99
CA GLN C 146 24.18 39.44 -4.78
C GLN C 146 23.75 40.12 -6.09
N THR C 147 24.51 39.92 -7.18
CA THR C 147 24.16 40.50 -8.48
C THR C 147 23.00 39.76 -9.14
N ASN C 148 22.02 40.51 -9.63
CA ASN C 148 20.87 39.98 -10.38
C ASN C 148 21.04 40.34 -11.85
N VAL C 149 20.69 39.40 -12.72
CA VAL C 149 20.75 39.62 -14.17
C VAL C 149 19.32 39.76 -14.69
N SER C 150 19.03 40.90 -15.31
CA SER C 150 17.68 41.21 -15.78
C SER C 150 17.51 40.82 -17.26
N GLN C 151 16.29 40.39 -17.60
CA GLN C 151 15.87 40.14 -18.99
C GLN C 151 16.00 41.42 -19.83
N SER C 152 16.11 41.28 -21.15
CA SER C 152 16.44 42.44 -21.99
C SER C 152 15.23 43.31 -22.32
N LYS C 153 15.50 44.61 -22.47
CA LYS C 153 14.51 45.59 -22.92
C LYS C 153 14.17 45.36 -24.40
N ASP C 154 15.18 45.28 -25.25
CA ASP C 154 15.00 44.94 -26.67
C ASP C 154 14.66 43.45 -26.81
N SER C 155 13.62 43.13 -27.59
CA SER C 155 13.19 41.72 -27.78
C SER C 155 13.97 40.98 -28.88
N ASP C 156 14.78 41.71 -29.66
CA ASP C 156 15.78 41.09 -30.56
C ASP C 156 17.07 40.69 -29.85
N VAL C 157 17.22 41.11 -28.58
CA VAL C 157 18.35 40.73 -27.73
C VAL C 157 17.91 39.65 -26.74
N TYR C 158 18.70 38.59 -26.61
CA TYR C 158 18.39 37.47 -25.71
C TYR C 158 19.38 37.47 -24.55
N ILE C 159 18.88 37.29 -23.34
CA ILE C 159 19.74 37.17 -22.16
C ILE C 159 19.23 36.04 -21.30
N THR C 160 20.14 35.18 -20.89
CA THR C 160 19.81 34.03 -20.07
C THR C 160 19.82 34.40 -18.60
N ASP C 161 19.21 33.54 -17.80
CA ASP C 161 19.27 33.63 -16.36
C ASP C 161 20.72 33.30 -15.94
N LYS C 162 21.09 33.70 -14.73
CA LYS C 162 22.40 33.35 -14.20
C LYS C 162 22.43 31.86 -13.87
N CYS C 163 23.62 31.28 -13.91
CA CYS C 163 23.82 29.85 -13.74
C CYS C 163 25.23 29.64 -13.18
N VAL C 164 25.36 28.75 -12.20
CA VAL C 164 26.65 28.54 -11.51
C VAL C 164 27.33 27.23 -11.88
N LEU C 165 28.62 27.28 -12.22
CA LEU C 165 29.37 26.10 -12.58
C LEU C 165 30.43 25.84 -11.52
N ASP C 166 30.85 24.59 -11.46
CA ASP C 166 31.72 24.10 -10.41
C ASP C 166 32.88 23.38 -11.07
N MET C 167 34.04 24.02 -11.09
CA MET C 167 35.26 23.39 -11.57
C MET C 167 35.80 22.58 -10.40
N ARG C 168 35.46 21.29 -10.36
CA ARG C 168 35.58 20.48 -9.13
C ARG C 168 37.00 20.28 -8.65
N SER C 169 37.92 19.95 -9.57
CA SER C 169 39.32 19.67 -9.21
C SER C 169 40.11 20.88 -8.68
N MET C 170 39.62 22.09 -8.96
CA MET C 170 40.18 23.33 -8.39
C MET C 170 39.41 23.86 -7.16
N ASP C 171 38.26 23.28 -6.81
CA ASP C 171 37.36 23.79 -5.76
C ASP C 171 37.01 25.27 -6.03
N PHE C 172 36.41 25.50 -7.20
CA PHE C 172 36.19 26.84 -7.71
C PHE C 172 34.80 26.92 -8.34
N LYS C 173 34.01 27.92 -7.94
CA LYS C 173 32.69 28.17 -8.51
C LYS C 173 32.59 29.53 -9.15
N SER C 174 31.76 29.67 -10.18
CA SER C 174 31.53 30.95 -10.82
C SER C 174 30.15 31.05 -11.46
N ASN C 175 29.53 32.22 -11.28
CA ASN C 175 28.28 32.55 -11.94
C ASN C 175 28.59 33.02 -13.36
N SER C 176 27.61 32.89 -14.24
CA SER C 176 27.69 33.52 -15.55
C SER C 176 26.31 33.72 -16.13
N ALA C 177 26.24 34.60 -17.11
CA ALA C 177 25.07 34.73 -17.97
C ALA C 177 25.58 35.09 -19.36
N VAL C 178 24.77 34.77 -20.36
CA VAL C 178 25.16 34.92 -21.76
C VAL C 178 24.13 35.82 -22.42
N ALA C 179 24.57 36.66 -23.34
CA ALA C 179 23.66 37.50 -24.09
C ALA C 179 24.07 37.53 -25.54
N TRP C 180 23.08 37.56 -26.44
CA TRP C 180 23.34 37.63 -27.89
C TRP C 180 22.20 38.29 -28.64
N SER C 181 22.46 38.59 -29.92
CA SER C 181 21.48 39.20 -30.83
C SER C 181 22.01 39.18 -32.26
N ASN C 182 21.12 39.12 -33.23
CA ASN C 182 21.48 39.37 -34.65
C ASN C 182 21.64 40.89 -34.94
N LYS C 183 20.72 41.71 -34.39
CA LYS C 183 20.77 43.17 -34.53
C LYS C 183 21.99 43.76 -33.81
N PHE C 186 24.40 45.43 -31.91
CA PHE C 186 24.64 44.81 -30.61
C PHE C 186 26.14 44.76 -30.29
N ALA C 187 26.51 45.29 -29.13
CA ALA C 187 27.88 45.27 -28.62
C ALA C 187 27.88 44.85 -27.14
N CYS C 188 28.99 44.24 -26.71
CA CYS C 188 29.09 43.68 -25.36
C CYS C 188 29.10 44.75 -24.27
N ALA C 189 29.66 45.92 -24.56
CA ALA C 189 29.56 47.09 -23.67
C ALA C 189 28.11 47.46 -23.32
N ASN C 190 27.19 47.28 -24.28
CA ASN C 190 25.77 47.65 -24.13
C ASN C 190 24.86 46.49 -23.70
N ALA C 191 25.31 45.25 -23.87
CA ALA C 191 24.48 44.05 -23.63
C ALA C 191 23.74 44.01 -22.30
N PHE C 192 24.42 44.34 -21.20
CA PHE C 192 23.83 44.24 -19.86
C PHE C 192 23.46 45.60 -19.25
N ASN C 193 23.22 46.62 -20.08
CA ASN C 193 22.75 47.94 -19.62
C ASN C 193 21.55 47.86 -18.68
N ASN C 194 20.61 46.96 -19.02
CA ASN C 194 19.37 46.79 -18.28
C ASN C 194 19.53 46.16 -16.87
N SER C 195 20.69 45.57 -16.56
CA SER C 195 20.99 45.02 -15.24
C SER C 195 21.79 46.00 -14.39
N ILE C 196 21.62 45.91 -13.09
CA ILE C 196 22.50 46.60 -12.14
C ILE C 196 23.75 45.71 -11.98
N ILE C 197 24.78 46.02 -12.77
CA ILE C 197 26.07 45.29 -12.69
C ILE C 197 27.03 46.05 -11.77
N PRO C 198 28.02 45.36 -11.19
CA PRO C 198 29.04 46.05 -10.38
C PRO C 198 29.80 47.17 -11.12
N GLU C 199 30.25 48.17 -10.36
CA GLU C 199 30.96 49.33 -10.90
C GLU C 199 32.38 48.96 -11.37
N ASP C 200 33.03 48.06 -10.64
CA ASP C 200 34.38 47.57 -11.00
C ASP C 200 34.43 46.56 -12.19
N THR C 201 33.28 46.21 -12.75
CA THR C 201 33.19 45.24 -13.87
C THR C 201 34.19 45.52 -15.00
N PHE C 202 35.00 44.51 -15.32
CA PHE C 202 35.99 44.59 -16.38
C PHE C 202 35.35 44.52 -17.78
N PHE C 203 35.53 45.59 -18.57
CA PHE C 203 35.18 45.61 -19.99
C PHE C 203 36.48 45.76 -20.78
N PRO C 204 37.01 44.65 -21.35
CA PRO C 204 38.33 44.71 -22.02
C PRO C 204 38.32 45.41 -23.40
N SER C 205 39.50 45.91 -23.78
CA SER C 205 39.76 46.47 -25.12
C SER C 205 38.93 47.72 -25.41
N ALA D 3 20.11 -3.87 -7.36
CA ALA D 3 18.93 -4.20 -8.21
C ALA D 3 18.55 -3.03 -9.16
N ALA D 4 18.91 -3.17 -10.45
CA ALA D 4 18.78 -2.10 -11.47
C ALA D 4 17.57 -2.26 -12.40
N VAL D 5 16.93 -1.14 -12.70
CA VAL D 5 15.78 -1.08 -13.59
C VAL D 5 16.05 -0.08 -14.70
N THR D 6 15.63 -0.39 -15.92
CA THR D 6 15.85 0.48 -17.07
C THR D 6 14.52 0.79 -17.73
N GLN D 7 14.47 1.95 -18.38
CA GLN D 7 13.26 2.43 -19.04
C GLN D 7 13.62 2.92 -20.44
N SER D 8 12.76 2.64 -21.40
CA SER D 8 12.93 3.23 -22.71
C SER D 8 11.59 3.50 -23.37
N PRO D 9 11.51 4.52 -24.23
CA PRO D 9 12.57 5.50 -24.44
C PRO D 9 12.73 6.38 -23.21
N ARG D 10 13.79 7.17 -23.16
CA ARG D 10 14.02 8.07 -22.04
C ARG D 10 13.27 9.39 -22.20
N ASN D 11 12.92 9.72 -23.45
CA ASN D 11 12.32 10.99 -23.80
C ASN D 11 11.54 10.80 -25.11
N LYS D 12 10.33 11.37 -25.19
CA LYS D 12 9.44 11.10 -26.31
C LYS D 12 8.46 12.25 -26.58
N VAL D 13 8.49 12.76 -27.81
CA VAL D 13 7.45 13.66 -28.35
C VAL D 13 6.46 12.86 -29.19
N ALA D 14 5.17 13.06 -28.92
CA ALA D 14 4.07 12.33 -29.56
C ALA D 14 2.91 13.25 -29.91
N VAL D 15 2.09 12.79 -30.85
CA VAL D 15 0.92 13.55 -31.30
C VAL D 15 -0.35 13.02 -30.62
N THR D 16 -1.32 13.90 -30.41
CA THR D 16 -2.67 13.51 -29.94
C THR D 16 -3.27 12.47 -30.89
N GLY D 17 -3.88 11.43 -30.32
CA GLY D 17 -4.43 10.32 -31.09
C GLY D 17 -3.44 9.25 -31.45
N GLY D 18 -2.14 9.50 -31.30
CA GLY D 18 -1.10 8.50 -31.57
C GLY D 18 -0.99 7.44 -30.49
N LYS D 19 -0.25 6.38 -30.82
CA LYS D 19 -0.01 5.26 -29.93
C LYS D 19 1.37 5.44 -29.34
N VAL D 20 1.47 5.35 -28.01
CA VAL D 20 2.76 5.46 -27.34
C VAL D 20 2.92 4.28 -26.39
N THR D 21 4.11 3.68 -26.41
CA THR D 21 4.44 2.54 -25.57
C THR D 21 5.69 2.87 -24.80
N LEU D 22 5.59 2.78 -23.48
CA LEU D 22 6.70 3.01 -22.60
C LEU D 22 7.06 1.68 -21.99
N SER D 23 8.32 1.33 -22.11
CA SER D 23 8.79 0.02 -21.69
C SER D 23 9.71 0.14 -20.49
N CYS D 24 9.67 -0.90 -19.67
CA CYS D 24 10.50 -1.01 -18.51
C CYS D 24 11.12 -2.38 -18.50
N ASN D 25 12.45 -2.45 -18.40
CA ASN D 25 13.15 -3.72 -18.26
C ASN D 25 13.90 -3.84 -16.93
N GLN D 26 13.88 -5.07 -16.40
CA GLN D 26 14.36 -5.37 -15.06
C GLN D 26 14.96 -6.79 -15.04
N THR D 27 16.24 -6.92 -14.70
CA THR D 27 16.94 -8.24 -14.71
C THR D 27 17.21 -8.84 -13.32
N ASN D 28 16.39 -8.46 -12.33
CA ASN D 28 16.57 -8.85 -10.92
C ASN D 28 15.77 -10.09 -10.55
N ASN D 29 14.97 -10.58 -11.49
CA ASN D 29 14.00 -11.66 -11.27
C ASN D 29 12.95 -11.30 -10.20
N HIS D 30 12.55 -10.02 -10.17
CA HIS D 30 11.48 -9.54 -9.33
C HIS D 30 10.15 -9.85 -9.97
N ASN D 31 9.27 -10.49 -9.20
CA ASN D 31 7.89 -10.75 -9.62
C ASN D 31 7.09 -9.47 -9.91
N ASN D 32 7.37 -8.38 -9.18
CA ASN D 32 6.41 -7.29 -9.04
C ASN D 32 6.93 -6.05 -9.75
N MET D 33 6.08 -5.43 -10.57
CA MET D 33 6.42 -4.19 -11.25
C MET D 33 5.29 -3.17 -11.19
N TYR D 34 5.66 -1.90 -11.29
CA TYR D 34 4.78 -0.79 -10.94
C TYR D 34 5.05 0.38 -11.85
N TRP D 35 3.99 1.04 -12.32
CA TRP D 35 4.14 2.25 -13.16
C TRP D 35 3.52 3.44 -12.46
N TYR D 36 4.30 4.51 -12.37
CA TYR D 36 3.87 5.75 -11.77
C TYR D 36 3.95 6.90 -12.79
N ARG D 37 3.23 8.00 -12.53
CA ARG D 37 3.50 9.27 -13.22
C ARG D 37 3.71 10.41 -12.23
N GLN D 38 4.65 11.30 -12.54
CA GLN D 38 4.97 12.48 -11.72
C GLN D 38 4.56 13.78 -12.44
N ASP D 39 3.80 14.60 -11.75
CA ASP D 39 3.28 15.88 -12.25
C ASP D 39 3.46 16.91 -11.16
N THR D 40 3.79 18.13 -11.55
CA THR D 40 4.07 19.19 -10.58
C THR D 40 2.88 19.42 -9.65
N GLY D 41 3.18 19.69 -8.39
CA GLY D 41 2.16 19.85 -7.36
C GLY D 41 1.49 18.56 -6.88
N HIS D 42 1.95 17.40 -7.34
CA HIS D 42 1.49 16.09 -6.86
C HIS D 42 2.69 15.20 -6.58
N GLY D 43 2.51 14.25 -5.68
CA GLY D 43 3.48 13.19 -5.49
C GLY D 43 3.29 12.16 -6.61
N LEU D 44 4.24 11.24 -6.77
CA LEU D 44 4.05 10.15 -7.74
C LEU D 44 2.73 9.44 -7.49
N ARG D 45 2.01 9.09 -8.57
CA ARG D 45 0.74 8.37 -8.48
C ARG D 45 0.77 7.08 -9.31
N LEU D 46 0.30 6.01 -8.69
CA LEU D 46 0.30 4.68 -9.28
C LEU D 46 -0.76 4.54 -10.38
N ILE D 47 -0.34 4.04 -11.54
CA ILE D 47 -1.20 3.91 -12.71
C ILE D 47 -1.65 2.44 -12.86
N HIS D 48 -0.67 1.56 -13.03
CA HIS D 48 -0.89 0.12 -13.17
C HIS D 48 0.23 -0.62 -12.43
N TYR D 49 -0.02 -1.86 -12.03
CA TYR D 49 1.05 -2.70 -11.52
C TYR D 49 0.85 -4.17 -11.91
N SER D 50 1.81 -5.01 -11.54
CA SER D 50 1.78 -6.40 -11.95
C SER D 50 2.52 -7.25 -10.94
N TYR D 51 1.89 -8.37 -10.57
CA TYR D 51 2.50 -9.38 -9.71
C TYR D 51 3.20 -10.51 -10.45
N GLY D 52 3.15 -10.50 -11.78
CA GLY D 52 3.86 -11.50 -12.57
C GLY D 52 3.44 -11.48 -14.02
N ALA D 53 4.17 -12.24 -14.84
CA ALA D 53 3.84 -12.39 -16.26
C ALA D 53 2.37 -12.72 -16.44
N GLY D 54 1.69 -11.98 -17.33
CA GLY D 54 0.26 -12.21 -17.60
C GLY D 54 -0.68 -11.40 -16.74
N SER D 55 -0.22 -10.95 -15.56
CA SER D 55 -1.03 -10.15 -14.64
C SER D 55 -0.78 -8.67 -14.90
N THR D 56 -1.85 -7.90 -14.94
CA THR D 56 -1.78 -6.46 -14.82
C THR D 56 -2.93 -6.06 -13.91
N GLU D 57 -2.72 -5.03 -13.09
CA GLU D 57 -3.73 -4.56 -12.15
C GLU D 57 -3.89 -3.07 -12.27
N LYS D 58 -5.12 -2.60 -12.09
CA LYS D 58 -5.39 -1.17 -12.04
C LYS D 58 -4.82 -0.57 -10.75
N GLY D 59 -4.20 0.59 -10.88
CA GLY D 59 -3.68 1.36 -9.73
C GLY D 59 -4.69 2.42 -9.36
N ASP D 60 -4.23 3.60 -8.96
CA ASP D 60 -5.13 4.70 -8.55
C ASP D 60 -5.68 5.50 -9.74
N ILE D 61 -4.86 5.71 -10.77
CA ILE D 61 -5.24 6.50 -11.94
C ILE D 61 -5.00 5.77 -13.26
N PRO D 62 -5.69 4.64 -13.47
CA PRO D 62 -5.46 3.82 -14.65
C PRO D 62 -6.10 4.30 -15.95
N ASP D 63 -7.01 5.29 -15.88
CA ASP D 63 -7.76 5.70 -17.08
C ASP D 63 -6.87 6.31 -18.18
N GLY D 64 -6.96 5.76 -19.38
CA GLY D 64 -6.20 6.21 -20.54
C GLY D 64 -4.97 5.36 -20.82
N TYR D 65 -4.70 4.40 -19.94
CA TYR D 65 -3.51 3.55 -20.01
C TYR D 65 -3.93 2.10 -19.99
N LYS D 66 -3.28 1.31 -20.82
CA LYS D 66 -3.32 -0.13 -20.78
C LYS D 66 -1.90 -0.58 -20.36
N ALA D 67 -1.82 -1.67 -19.60
CA ALA D 67 -0.53 -2.21 -19.18
C ALA D 67 -0.38 -3.59 -19.75
N SER D 68 0.85 -4.07 -19.80
CA SER D 68 1.18 -5.34 -20.43
C SER D 68 2.40 -5.93 -19.76
N ARG D 69 2.28 -7.18 -19.32
CA ARG D 69 3.37 -7.90 -18.68
C ARG D 69 3.65 -9.21 -19.47
N PRO D 70 4.34 -9.10 -20.62
CA PRO D 70 4.60 -10.30 -21.44
C PRO D 70 5.56 -11.30 -20.79
N SER D 71 6.48 -10.81 -19.97
CA SER D 71 7.49 -11.65 -19.32
C SER D 71 7.84 -11.05 -17.98
N GLN D 72 8.55 -11.84 -17.16
CA GLN D 72 9.13 -11.41 -15.86
C GLN D 72 9.99 -10.17 -15.99
N GLU D 73 10.68 -10.04 -17.12
CA GLU D 73 11.63 -8.93 -17.33
C GLU D 73 10.96 -7.62 -17.75
N ASN D 74 9.87 -7.68 -18.54
CA ASN D 74 9.32 -6.50 -19.20
C ASN D 74 7.91 -6.14 -18.77
N PHE D 75 7.70 -4.86 -18.48
CA PHE D 75 6.39 -4.33 -18.11
C PHE D 75 6.19 -3.06 -18.89
N SER D 76 5.15 -3.03 -19.73
CA SER D 76 4.90 -1.90 -20.64
C SER D 76 3.65 -1.10 -20.29
N LEU D 77 3.74 0.20 -20.54
CA LEU D 77 2.62 1.10 -20.37
C LEU D 77 2.26 1.59 -21.77
N ILE D 78 1.04 1.29 -22.18
CA ILE D 78 0.56 1.54 -23.53
C ILE D 78 -0.49 2.63 -23.43
N LEU D 79 -0.28 3.73 -24.16
CA LEU D 79 -1.29 4.77 -24.36
C LEU D 79 -1.81 4.62 -25.80
N GLU D 80 -3.01 4.10 -25.96
CA GLU D 80 -3.54 3.77 -27.28
C GLU D 80 -3.92 5.05 -28.05
N LEU D 81 -4.66 5.94 -27.38
CA LEU D 81 -5.05 7.23 -27.95
C LEU D 81 -4.49 8.34 -27.05
N ALA D 82 -3.22 8.66 -27.26
CA ALA D 82 -2.49 9.62 -26.43
C ALA D 82 -3.16 10.98 -26.45
N THR D 83 -3.27 11.60 -25.27
CA THR D 83 -3.83 12.95 -25.11
C THR D 83 -2.84 13.87 -24.38
N PRO D 84 -2.97 15.21 -24.54
CA PRO D 84 -2.08 16.16 -23.86
C PRO D 84 -2.04 16.07 -22.33
N SER D 85 -3.13 15.60 -21.71
CA SER D 85 -3.15 15.36 -20.26
C SER D 85 -2.18 14.26 -19.79
N GLN D 86 -1.67 13.45 -20.73
CA GLN D 86 -0.69 12.40 -20.44
C GLN D 86 0.77 12.88 -20.56
N THR D 87 0.97 14.15 -20.89
CA THR D 87 2.28 14.82 -20.73
C THR D 87 2.69 14.74 -19.26
N SER D 88 3.82 14.11 -18.98
CA SER D 88 4.25 13.81 -17.60
C SER D 88 5.63 13.17 -17.60
N VAL D 89 6.16 12.87 -16.42
CA VAL D 89 7.36 12.07 -16.27
C VAL D 89 6.91 10.73 -15.69
N TYR D 90 7.28 9.63 -16.34
CA TYR D 90 6.77 8.31 -15.97
C TYR D 90 7.88 7.53 -15.34
N PHE D 91 7.64 6.98 -14.15
CA PHE D 91 8.60 6.16 -13.46
C PHE D 91 8.08 4.73 -13.33
N CYS D 92 8.98 3.79 -13.56
CA CYS D 92 8.73 2.38 -13.44
C CYS D 92 9.44 1.92 -12.18
N ALA D 93 8.94 0.87 -11.54
CA ALA D 93 9.71 0.23 -10.48
C ALA D 93 9.45 -1.26 -10.38
N SER D 94 10.39 -1.95 -9.74
CA SER D 94 10.27 -3.38 -9.49
C SER D 94 10.54 -3.70 -8.03
N GLY D 95 10.06 -4.86 -7.59
CA GLY D 95 10.40 -5.38 -6.27
C GLY D 95 10.08 -6.86 -6.07
N ASP D 96 10.72 -7.46 -5.07
CA ASP D 96 10.39 -8.83 -4.67
C ASP D 96 9.29 -8.77 -3.60
N GLU D 97 9.21 -9.77 -2.72
CA GLU D 97 8.19 -9.82 -1.68
C GLU D 97 8.35 -8.74 -0.60
N GLY D 98 9.55 -8.16 -0.46
CA GLY D 98 9.78 -7.04 0.44
C GLY D 98 9.11 -5.75 0.00
N TYR D 99 9.06 -4.77 0.90
CA TYR D 99 8.40 -3.47 0.62
C TYR D 99 9.19 -2.52 -0.31
N THR D 100 10.50 -2.72 -0.48
CA THR D 100 11.32 -1.82 -1.28
C THR D 100 10.92 -1.86 -2.75
N GLN D 101 10.66 -0.70 -3.34
CA GLN D 101 10.54 -0.56 -4.79
C GLN D 101 11.78 0.13 -5.32
N TYR D 102 12.36 -0.39 -6.41
CA TYR D 102 13.58 0.13 -7.03
C TYR D 102 13.16 0.85 -8.29
N PHE D 103 13.41 2.15 -8.35
CA PHE D 103 12.86 2.96 -9.44
C PHE D 103 13.80 3.03 -10.63
N GLY D 104 13.21 3.05 -11.83
CA GLY D 104 13.94 3.42 -13.05
C GLY D 104 14.22 4.91 -13.11
N PRO D 105 14.97 5.37 -14.12
CA PRO D 105 15.42 6.76 -14.19
C PRO D 105 14.40 7.77 -14.71
N GLY D 106 13.23 7.30 -15.11
CA GLY D 106 12.17 8.18 -15.58
C GLY D 106 12.16 8.32 -17.10
N THR D 107 10.98 8.67 -17.62
CA THR D 107 10.74 8.87 -19.04
C THR D 107 9.88 10.12 -19.21
N ARG D 108 10.40 11.14 -19.89
CA ARG D 108 9.63 12.34 -20.18
C ARG D 108 8.76 12.11 -21.40
N LEU D 109 7.47 12.42 -21.28
CA LEU D 109 6.53 12.37 -22.40
C LEU D 109 5.89 13.74 -22.57
N LEU D 110 5.90 14.24 -23.80
CA LEU D 110 5.15 15.42 -24.22
C LEU D 110 4.19 14.99 -25.31
N VAL D 111 2.90 15.26 -25.12
CA VAL D 111 1.91 14.96 -26.15
C VAL D 111 1.42 16.28 -26.73
N LEU D 112 1.83 16.57 -27.96
CA LEU D 112 1.42 17.81 -28.66
C LEU D 112 0.10 17.60 -29.39
N GLU D 113 -0.62 18.69 -29.58
CA GLU D 113 -1.90 18.66 -30.33
C GLU D 113 -1.60 18.34 -31.79
N ASP D 114 -0.47 18.88 -32.25
CA ASP D 114 -0.09 18.85 -33.63
C ASP D 114 1.44 18.96 -33.74
N LEU D 115 2.02 18.29 -34.75
CA LEU D 115 3.47 18.28 -34.98
C LEU D 115 4.03 19.32 -35.97
N ARG D 116 3.19 20.21 -36.50
CA ARG D 116 3.62 21.05 -37.63
C ARG D 116 4.79 22.00 -37.31
N ASN D 117 4.97 22.36 -36.02
CA ASN D 117 6.05 23.28 -35.62
C ASN D 117 7.36 22.62 -35.17
N VAL D 118 7.43 21.29 -35.19
CA VAL D 118 8.59 20.58 -34.65
C VAL D 118 9.81 20.91 -35.53
N THR D 119 10.92 21.34 -34.92
CA THR D 119 12.14 21.77 -35.65
C THR D 119 13.40 21.41 -34.83
N PRO D 120 14.41 20.80 -35.46
CA PRO D 120 15.63 20.54 -34.70
C PRO D 120 16.44 21.82 -34.51
N PRO D 121 17.37 21.84 -33.53
CA PRO D 121 18.19 23.02 -33.29
C PRO D 121 19.28 23.22 -34.32
N LYS D 122 19.73 24.47 -34.47
CA LYS D 122 21.09 24.79 -34.96
C LYS D 122 21.99 24.84 -33.72
N VAL D 123 23.21 24.33 -33.83
CA VAL D 123 24.13 24.37 -32.71
C VAL D 123 25.38 25.09 -33.13
N SER D 124 25.79 26.07 -32.32
CA SER D 124 27.06 26.78 -32.50
C SER D 124 27.90 26.72 -31.24
N LEU D 125 29.20 26.63 -31.41
CA LEU D 125 30.15 26.62 -30.30
C LEU D 125 30.95 27.92 -30.34
N PHE D 126 31.00 28.63 -29.22
CA PHE D 126 31.71 29.90 -29.15
C PHE D 126 32.99 29.74 -28.34
N GLU D 127 34.10 30.17 -28.94
CA GLU D 127 35.45 29.92 -28.40
C GLU D 127 35.84 30.98 -27.35
N PRO D 128 36.67 30.60 -26.35
CA PRO D 128 37.05 31.50 -25.26
C PRO D 128 37.74 32.78 -25.69
N SER D 129 37.47 33.83 -24.93
CA SER D 129 38.05 35.16 -25.13
C SER D 129 39.52 35.16 -24.73
N LYS D 130 40.36 35.75 -25.60
CA LYS D 130 41.79 36.00 -25.29
C LYS D 130 41.97 36.83 -24.00
N ALA D 131 41.05 37.75 -23.76
CA ALA D 131 41.03 38.56 -22.54
C ALA D 131 40.72 37.75 -21.29
N GLU D 132 39.67 36.93 -21.35
CA GLU D 132 39.36 36.04 -20.23
C GLU D 132 40.59 35.24 -19.85
N ILE D 133 41.26 34.69 -20.87
CA ILE D 133 42.42 33.84 -20.63
C ILE D 133 43.52 34.59 -19.85
N SER D 134 43.84 35.80 -20.28
CA SER D 134 44.89 36.60 -19.62
C SER D 134 44.43 37.18 -18.27
N HIS D 135 43.13 37.46 -18.12
CA HIS D 135 42.62 37.98 -16.85
C HIS D 135 42.48 36.92 -15.74
N THR D 136 42.08 35.69 -16.09
CA THR D 136 41.77 34.63 -15.09
C THR D 136 42.61 33.35 -15.11
N GLN D 137 43.38 33.16 -16.20
CA GLN D 137 43.92 31.83 -16.53
C GLN D 137 42.84 30.74 -16.65
N LYS D 138 41.65 31.15 -17.06
CA LYS D 138 40.58 30.21 -17.36
C LYS D 138 40.00 30.53 -18.73
N ALA D 139 39.40 29.50 -19.32
CA ALA D 139 38.87 29.56 -20.68
C ALA D 139 37.44 29.02 -20.66
N THR D 140 36.47 29.85 -21.07
CA THR D 140 35.06 29.46 -21.06
C THR D 140 34.57 29.31 -22.48
N LEU D 141 34.11 28.11 -22.82
CA LEU D 141 33.43 27.85 -24.08
C LEU D 141 31.91 28.02 -23.86
N VAL D 142 31.22 28.58 -24.83
CA VAL D 142 29.76 28.70 -24.77
C VAL D 142 29.16 28.00 -25.97
N CYS D 143 28.19 27.12 -25.68
CA CYS D 143 27.43 26.43 -26.68
C CYS D 143 26.03 27.00 -26.71
N LEU D 144 25.50 27.16 -27.92
CA LEU D 144 24.22 27.80 -28.14
C LEU D 144 23.35 26.97 -29.10
N ALA D 145 22.26 26.40 -28.59
CA ALA D 145 21.29 25.70 -29.43
C ALA D 145 20.13 26.66 -29.69
N THR D 146 19.77 26.84 -30.96
CA THR D 146 18.75 27.81 -31.36
C THR D 146 17.76 27.25 -32.37
N GLY D 147 16.56 27.83 -32.38
CA GLY D 147 15.57 27.58 -33.43
C GLY D 147 14.82 26.26 -33.33
N PHE D 148 14.74 25.68 -32.13
CA PHE D 148 14.15 24.35 -31.97
C PHE D 148 12.77 24.35 -31.32
N TYR D 149 11.99 23.31 -31.61
CA TYR D 149 10.68 23.10 -30.97
C TYR D 149 10.33 21.62 -31.06
N PRO D 150 9.79 21.00 -30.02
CA PRO D 150 9.53 21.59 -28.69
C PRO D 150 10.80 21.72 -27.84
N ASP D 151 10.66 21.93 -26.52
CA ASP D 151 11.80 22.18 -25.62
C ASP D 151 12.58 20.94 -25.12
N HIS D 152 12.21 19.75 -25.56
CA HIS D 152 12.90 18.51 -25.16
C HIS D 152 14.28 18.35 -25.82
N VAL D 153 15.31 18.86 -25.14
CA VAL D 153 16.71 18.66 -25.54
C VAL D 153 17.60 18.33 -24.35
N GLU D 154 18.53 17.39 -24.54
CA GLU D 154 19.59 17.11 -23.59
C GLU D 154 20.85 17.69 -24.24
N LEU D 155 21.45 18.68 -23.58
CA LEU D 155 22.73 19.27 -24.00
C LEU D 155 23.88 18.63 -23.22
N SER D 156 24.94 18.19 -23.90
CA SER D 156 26.09 17.60 -23.21
C SER D 156 27.43 18.01 -23.83
N TRP D 157 28.47 18.03 -23.00
CA TRP D 157 29.82 18.41 -23.41
C TRP D 157 30.73 17.18 -23.45
N TRP D 158 31.57 17.09 -24.48
CA TRP D 158 32.46 15.95 -24.66
C TRP D 158 33.85 16.47 -24.97
N VAL D 159 34.85 15.95 -24.26
CA VAL D 159 36.26 16.25 -24.53
C VAL D 159 36.97 14.94 -24.90
N ASN D 160 37.62 14.93 -26.07
CA ASN D 160 38.25 13.73 -26.64
C ASN D 160 37.40 12.45 -26.58
N GLY D 161 36.11 12.58 -26.91
CA GLY D 161 35.21 11.44 -27.04
C GLY D 161 34.64 10.99 -25.71
N LYS D 162 34.88 11.73 -24.63
CA LYS D 162 34.36 11.36 -23.31
C LYS D 162 33.60 12.53 -22.70
N GLU D 163 32.40 12.22 -22.19
CA GLU D 163 31.53 13.24 -21.59
C GLU D 163 32.17 13.87 -20.35
N VAL D 164 32.04 15.18 -20.21
CA VAL D 164 32.53 15.94 -19.04
C VAL D 164 31.35 16.61 -18.32
N HIS D 165 31.38 16.56 -16.99
CA HIS D 165 30.40 17.24 -16.13
C HIS D 165 31.04 18.37 -15.31
N SER D 166 32.28 18.21 -14.89
CA SER D 166 32.99 19.26 -14.18
C SER D 166 33.14 20.50 -15.06
N GLY D 167 32.88 21.67 -14.44
CA GLY D 167 33.03 22.95 -15.10
C GLY D 167 31.90 23.29 -16.05
N VAL D 168 30.76 22.60 -15.95
CA VAL D 168 29.65 22.78 -16.88
C VAL D 168 28.48 23.39 -16.14
N CYS D 169 27.74 24.26 -16.80
CA CYS D 169 26.38 24.51 -16.39
C CYS D 169 25.55 24.94 -17.59
N THR D 170 24.31 24.47 -17.59
CA THR D 170 23.38 24.61 -18.68
C THR D 170 22.17 25.33 -18.12
N ASP D 171 21.55 26.20 -18.93
CA ASP D 171 20.35 26.94 -18.50
C ASP D 171 19.29 25.93 -18.05
N PRO D 172 18.63 26.17 -16.89
CA PRO D 172 17.65 25.18 -16.44
C PRO D 172 16.46 25.04 -17.37
N GLN D 173 16.07 26.14 -18.00
CA GLN D 173 14.98 26.15 -18.97
C GLN D 173 15.46 26.81 -20.27
N PRO D 174 15.01 26.30 -21.41
CA PRO D 174 15.13 27.08 -22.65
C PRO D 174 14.40 28.40 -22.56
N LEU D 175 14.90 29.40 -23.28
CA LEU D 175 14.20 30.66 -23.44
C LEU D 175 13.50 30.68 -24.80
N LYS D 176 12.41 31.45 -24.88
CA LYS D 176 11.61 31.57 -26.09
C LYS D 176 12.17 32.66 -26.99
N GLU D 177 12.25 32.40 -28.29
CA GLU D 177 12.83 33.34 -29.25
C GLU D 177 11.86 34.44 -29.68
N GLN D 178 10.58 34.08 -29.75
CA GLN D 178 9.48 35.00 -30.05
C GLN D 178 8.39 34.83 -28.98
N PRO D 179 8.58 35.40 -27.77
CA PRO D 179 7.61 35.22 -26.66
C PRO D 179 6.16 35.66 -26.95
N ALA D 180 5.99 36.60 -27.88
CA ALA D 180 4.65 36.97 -28.38
C ALA D 180 3.92 35.78 -29.01
N LEU D 181 4.60 35.05 -29.89
CA LEU D 181 3.98 34.02 -30.74
C LEU D 181 3.65 32.72 -29.99
N ASN D 182 2.70 31.98 -30.59
CA ASN D 182 2.03 30.86 -29.92
C ASN D 182 2.94 29.65 -29.76
N ASP D 183 3.55 29.25 -30.86
CA ASP D 183 4.43 28.09 -30.90
C ASP D 183 5.86 28.56 -31.18
N SER D 184 6.36 29.37 -30.25
CA SER D 184 7.68 29.96 -30.35
C SER D 184 8.77 28.89 -30.39
N ARG D 185 9.76 29.10 -31.24
CA ARG D 185 11.01 28.34 -31.18
C ARG D 185 11.76 28.68 -29.88
N TYR D 186 12.61 27.76 -29.44
CA TYR D 186 13.43 27.95 -28.25
C TYR D 186 14.93 28.07 -28.56
N SER D 187 15.63 28.72 -27.64
CA SER D 187 17.07 28.69 -27.58
C SER D 187 17.52 28.21 -26.21
N LEU D 188 18.71 27.62 -26.15
CA LEU D 188 19.31 27.16 -24.92
C LEU D 188 20.82 27.36 -24.98
N SER D 189 21.41 27.68 -23.83
CA SER D 189 22.86 27.87 -23.75
C SER D 189 23.47 27.06 -22.61
N SER D 190 24.76 26.81 -22.74
CA SER D 190 25.52 26.07 -21.74
C SER D 190 26.93 26.58 -21.75
N ARG D 191 27.63 26.46 -20.62
CA ARG D 191 29.04 26.90 -20.54
C ARG D 191 29.90 25.72 -20.12
N LEU D 192 31.11 25.65 -20.66
CA LEU D 192 32.14 24.74 -20.20
C LEU D 192 33.37 25.59 -19.92
N ARG D 193 33.81 25.58 -18.67
CA ARG D 193 34.99 26.33 -18.27
C ARG D 193 36.11 25.38 -17.88
N VAL D 194 37.26 25.60 -18.48
CA VAL D 194 38.44 24.80 -18.25
C VAL D 194 39.59 25.75 -17.94
N SER D 195 40.74 25.17 -17.59
CA SER D 195 41.95 25.97 -17.39
C SER D 195 42.49 26.41 -18.75
N ALA D 196 43.15 27.55 -18.78
CA ALA D 196 43.73 28.06 -20.00
C ALA D 196 44.65 27.04 -20.67
N THR D 197 45.49 26.37 -19.89
CA THR D 197 46.44 25.41 -20.47
C THR D 197 45.75 24.21 -21.10
N PHE D 198 44.60 23.81 -20.55
CA PHE D 198 43.77 22.74 -21.13
C PHE D 198 43.17 23.16 -22.48
N TRP D 199 42.64 24.39 -22.53
CA TRP D 199 42.17 24.96 -23.79
C TRP D 199 43.30 25.22 -24.78
N GLN D 200 44.48 25.57 -24.29
CA GLN D 200 45.64 25.85 -25.17
C GLN D 200 46.29 24.60 -25.79
N ASN D 201 45.96 23.41 -25.28
CA ASN D 201 46.50 22.15 -25.78
C ASN D 201 45.78 21.77 -27.07
N PRO D 202 46.49 21.74 -28.21
CA PRO D 202 45.81 21.44 -29.47
C PRO D 202 45.47 19.96 -29.72
N ARG D 203 45.66 19.10 -28.73
CA ARG D 203 45.21 17.71 -28.83
C ARG D 203 43.82 17.49 -28.21
N ASN D 204 43.34 18.49 -27.45
CA ASN D 204 42.01 18.43 -26.86
C ASN D 204 40.94 18.86 -27.87
N HIS D 205 40.07 17.91 -28.22
CA HIS D 205 38.96 18.17 -29.11
C HIS D 205 37.71 18.43 -28.26
N PHE D 206 37.12 19.61 -28.38
CA PHE D 206 35.91 19.96 -27.62
C PHE D 206 34.68 19.85 -28.49
N ARG D 207 33.63 19.25 -27.94
CA ARG D 207 32.37 19.16 -28.66
C ARG D 207 31.17 19.40 -27.75
N CYS D 208 30.26 20.23 -28.28
CA CYS D 208 28.97 20.48 -27.68
C CYS D 208 27.95 19.68 -28.48
N GLN D 209 27.15 18.86 -27.79
CA GLN D 209 26.17 17.97 -28.43
C GLN D 209 24.77 18.24 -27.89
N VAL D 210 23.79 18.32 -28.78
CA VAL D 210 22.39 18.40 -28.39
C VAL D 210 21.60 17.23 -28.99
N GLN D 211 21.12 16.34 -28.13
CA GLN D 211 20.14 15.31 -28.47
C GLN D 211 18.75 15.94 -28.52
N PHE D 212 18.18 16.03 -29.72
CA PHE D 212 16.87 16.61 -29.95
C PHE D 212 15.89 15.45 -30.07
N TYR D 213 14.76 15.54 -29.39
CA TYR D 213 13.71 14.56 -29.55
C TYR D 213 12.60 15.14 -30.40
N GLY D 214 12.24 14.43 -31.46
CA GLY D 214 11.29 14.93 -32.44
C GLY D 214 10.45 13.81 -32.99
N LEU D 215 10.32 13.75 -34.30
CA LEU D 215 9.48 12.77 -34.95
C LEU D 215 10.18 11.42 -35.12
N SER D 216 9.37 10.37 -35.14
CA SER D 216 9.85 9.04 -35.48
C SER D 216 9.82 8.84 -36.99
N GLU D 217 10.50 7.78 -37.44
CA GLU D 217 10.49 7.33 -38.84
C GLU D 217 9.07 7.08 -39.37
N ASN D 218 8.19 6.56 -38.52
CA ASN D 218 6.80 6.24 -38.91
C ASN D 218 5.82 7.44 -38.96
N ASP D 219 6.18 8.59 -38.37
CA ASP D 219 5.27 9.74 -38.29
C ASP D 219 5.07 10.39 -39.67
N GLU D 220 3.83 10.77 -39.97
CA GLU D 220 3.49 11.38 -41.28
C GLU D 220 4.09 12.77 -41.37
N TRP D 221 4.52 13.17 -42.56
CA TRP D 221 5.09 14.50 -42.76
C TRP D 221 4.69 15.08 -44.13
N THR D 222 3.93 16.17 -44.11
CA THR D 222 3.34 16.75 -45.31
C THR D 222 3.98 18.08 -45.77
N GLN D 223 4.92 18.63 -45.00
CA GLN D 223 5.55 19.89 -45.35
C GLN D 223 6.74 19.68 -46.28
N ASP D 224 7.12 20.78 -46.93
CA ASP D 224 8.25 20.81 -47.85
C ASP D 224 9.58 20.60 -47.14
N ARG D 225 9.77 21.23 -45.98
CA ARG D 225 11.05 21.12 -45.23
C ARG D 225 11.37 19.69 -44.78
N ALA D 226 12.65 19.44 -44.51
CA ALA D 226 13.11 18.14 -44.03
C ALA D 226 12.32 17.64 -42.81
N LYS D 227 12.20 16.33 -42.69
CA LYS D 227 11.45 15.73 -41.61
C LYS D 227 12.24 15.91 -40.30
N PRO D 228 11.65 16.61 -39.31
CA PRO D 228 12.38 16.99 -38.11
C PRO D 228 12.42 15.85 -37.09
N VAL D 229 13.20 14.83 -37.43
CA VAL D 229 13.27 13.61 -36.64
C VAL D 229 14.13 13.80 -35.40
N THR D 230 13.96 12.87 -34.46
CA THR D 230 14.87 12.72 -33.33
C THR D 230 16.27 12.58 -33.89
N GLN D 231 17.19 13.41 -33.41
CA GLN D 231 18.56 13.49 -33.98
C GLN D 231 19.53 14.23 -33.09
N ILE D 232 20.80 14.14 -33.47
CA ILE D 232 21.88 14.83 -32.78
C ILE D 232 22.46 15.92 -33.67
N VAL D 233 22.59 17.12 -33.11
CA VAL D 233 23.30 18.21 -33.74
C VAL D 233 24.39 18.62 -32.77
N SER D 234 25.60 18.76 -33.30
CA SER D 234 26.76 19.14 -32.49
C SER D 234 27.62 20.20 -33.15
N ALA D 235 28.45 20.82 -32.33
CA ALA D 235 29.45 21.74 -32.80
C ALA D 235 30.72 21.49 -32.00
N GLU D 236 31.82 21.91 -32.58
CA GLU D 236 33.10 21.26 -32.32
C GLU D 236 34.26 22.24 -32.52
N ALA D 237 35.31 22.13 -31.71
CA ALA D 237 36.55 22.89 -31.93
C ALA D 237 37.74 22.30 -31.17
N TRP D 238 38.93 22.52 -31.71
CA TRP D 238 40.19 22.06 -31.11
C TRP D 238 40.81 23.19 -30.33
N GLY D 239 41.47 22.85 -29.23
CA GLY D 239 42.33 23.80 -28.55
C GLY D 239 43.45 24.34 -29.43
N ARG D 240 44.06 25.45 -28.98
CA ARG D 240 45.10 26.16 -29.75
C ARG D 240 45.88 27.10 -28.83
N ALA D 241 47.17 27.27 -29.12
CA ALA D 241 48.09 28.08 -28.30
C ALA D 241 47.87 29.59 -28.47
C1 NAG E . 7.35 -16.20 21.26
C2 NAG E . 8.78 -15.69 21.10
C3 NAG E . 9.50 -16.47 20.00
C4 NAG E . 9.44 -17.96 20.28
C5 NAG E . 7.97 -18.38 20.46
C6 NAG E . 7.82 -19.87 20.73
C7 NAG E . 8.75 -13.30 21.67
C8 NAG E . 8.83 -11.92 21.11
N2 NAG E . 8.82 -14.28 20.76
O3 NAG E . 10.86 -16.01 19.88
O4 NAG E . 9.96 -18.64 19.13
O5 NAG E . 7.36 -17.60 21.51
O6 NAG E . 6.51 -20.11 21.26
O7 NAG E . 8.62 -13.53 22.86
C1 NAG E . 11.33 -19.03 19.20
C2 NAG E . 11.50 -20.18 18.23
C3 NAG E . 12.97 -20.59 18.10
C4 NAG E . 13.86 -19.37 17.87
C5 NAG E . 13.59 -18.29 18.92
C6 NAG E . 14.49 -17.06 18.73
C7 NAG E . 9.89 -22.02 17.86
C8 NAG E . 9.17 -23.18 18.48
N2 NAG E . 10.72 -21.33 18.66
O3 NAG E . 13.10 -21.53 17.03
O4 NAG E . 15.23 -19.75 17.99
O5 NAG E . 12.20 -17.94 18.87
O6 NAG E . 13.75 -15.83 18.73
O7 NAG E . 9.71 -21.74 16.68
C1 BMA E . 15.91 -19.97 16.73
C2 BMA E . 17.36 -19.54 16.91
C3 BMA E . 18.20 -19.89 15.67
C4 BMA E . 17.91 -21.31 15.16
C5 BMA E . 16.42 -21.65 15.09
C6 BMA E . 16.17 -23.13 14.77
O2 BMA E . 17.93 -20.14 18.08
O3 BMA E . 19.59 -19.78 16.01
O4 BMA E . 18.48 -21.40 13.85
O5 BMA E . 15.80 -21.34 16.35
O6 BMA E . 14.98 -23.31 13.99
C1 MAN E . 20.25 -18.70 15.33
C2 MAN E . 21.75 -18.78 15.61
C3 MAN E . 22.19 -18.07 16.90
C4 MAN E . 21.49 -16.73 17.08
C5 MAN E . 19.99 -16.89 16.94
C6 MAN E . 19.24 -15.57 17.12
O2 MAN E . 22.47 -18.23 14.50
O3 MAN E . 23.61 -17.88 16.89
O4 MAN E . 21.82 -16.19 18.37
O5 MAN E . 19.70 -17.41 15.64
O6 MAN E . 17.85 -15.84 17.36
C1 FUC E . 5.67 -20.99 20.45
C2 FUC E . 4.54 -21.56 21.34
C3 FUC E . 3.51 -20.48 21.67
C4 FUC E . 3.00 -19.84 20.37
C5 FUC E . 4.20 -19.28 19.60
C6 FUC E . 3.80 -18.54 18.33
O2 FUC E . 5.09 -22.14 22.54
O3 FUC E . 2.45 -20.99 22.47
O4 FUC E . 2.27 -20.77 19.55
O5 FUC E . 5.10 -20.36 19.30
C1 NAG F . -20.41 -9.17 -5.51
C2 NAG F . -21.33 -8.66 -6.64
C3 NAG F . -22.70 -8.23 -6.14
C4 NAG F . -23.34 -9.33 -5.29
C5 NAG F . -22.38 -9.58 -4.11
C6 NAG F . -22.91 -10.61 -3.09
C7 NAG F . -19.99 -7.65 -8.45
C8 NAG F . -19.41 -6.35 -8.96
N2 NAG F . -20.69 -7.54 -7.32
O3 NAG F . -23.55 -7.90 -7.25
O4 NAG F . -24.67 -8.98 -4.88
O5 NAG F . -21.12 -10.04 -4.62
O6 NAG F . -22.64 -11.95 -3.51
O7 NAG F . -19.80 -8.69 -9.05
C1 NAG G . -17.93 -4.39 5.93
C2 NAG G . -18.84 -3.92 4.80
C3 NAG G . -18.10 -3.07 3.74
C4 NAG G . -17.32 -1.93 4.39
C5 NAG G . -16.44 -2.55 5.49
C6 NAG G . -15.58 -1.53 6.25
C7 NAG G . -20.68 -5.36 4.03
C8 NAG G . -21.03 -6.62 3.28
N2 NAG G . -19.39 -5.08 4.13
O3 NAG G . -19.02 -2.54 2.79
O4 NAG G . -16.57 -1.19 3.39
O5 NAG G . -17.24 -3.25 6.44
O6 NAG G . -16.37 -0.81 7.22
O7 NAG G . -21.58 -4.67 4.51
C1 ELS H . -1.43 -5.91 9.10
O2 ELS H . -2.52 -5.56 11.63
C3 ELS H . -1.21 -8.26 8.10
C4 ELS H . -2.70 -8.58 8.32
C5 ELS H . -3.15 -9.96 7.81
C6 ELS H . -2.72 -11.11 8.77
C7 ELS H . -3.34 -12.47 8.31
C8 ELS H . -3.78 -17.32 3.83
C9 ELS H . -4.87 -17.15 2.74
C11 ELS H . -5.46 -16.36 0.42
C12 ELS H . -5.03 -16.29 -1.05
C43 ELS H . -5.30 -13.62 19.73
C42 ELS H . -4.89 -12.63 20.81
C41 ELS H . -5.91 -12.63 21.94
C40 ELS H . -5.71 -11.39 22.85
C39 ELS H . -6.71 -10.26 22.51
C38 ELS H . -7.88 -10.19 23.50
C37 ELS H . -9.24 -10.43 22.83
C36 ELS H . -9.84 -9.13 22.35
C35 ELS H . -11.08 -9.42 21.46
C34 ELS H . -10.63 -9.72 20.02
C33 ELS H . -11.83 -9.69 19.06
C32 ELS H . -11.35 -9.61 17.60
C31 ELS H . -10.44 -10.80 17.27
C44 ELS H . -10.61 -11.24 15.81
C29 ELS H . -9.64 -12.39 15.54
C28 ELS H . -8.31 -11.84 15.04
C27 ELS H . -7.21 -12.84 15.42
C26 ELS H . -5.92 -12.63 14.61
C25 ELS H . -5.11 -11.48 15.17
C24 ELS H . -3.66 -11.63 14.74
C23 ELS H . -3.31 -10.65 13.61
C22 ELS H . -3.05 -9.24 14.14
C21 ELS H . -1.83 -8.68 13.42
C20 ELS H . -1.62 -7.23 13.81
C19 ELS H . -0.68 -6.58 12.79
C30 ELS H . -1.43 -6.11 11.54
N ELS H . -0.82 -6.38 10.36
C ELS H . -1.01 -4.44 8.91
OC1 ELS H . 0.43 -4.41 8.98
CG1 ELS H . 1.03 -3.19 8.69
OG ELS H . 0.85 -2.30 9.79
CG ELS H . 1.53 -2.66 11.02
CG5 ELS H . 1.41 -1.48 12.01
OG6 ELS H . 0.03 -1.32 12.32
CG4 ELS H . 3.01 -2.95 10.80
OG5 ELS H . 3.71 -1.75 10.49
CG3 ELS H . 3.17 -3.93 9.69
OG4 ELS H . 4.56 -4.09 9.43
CG2 ELS H . 2.47 -3.44 8.44
OG3 ELS H . 2.59 -4.44 7.38
C2 ELS H . -0.95 -6.76 7.93
O1 ELS H . -1.65 -6.28 6.78
O32 ELS H . -0.68 -8.91 6.93
O ELS H . -4.18 -13.06 9.00
N1 ELS H . -2.84 -12.85 7.11
C18 ELS H . -3.10 -13.97 6.41
C13 ELS H . -2.93 -15.29 6.89
C14 ELS H . -3.17 -16.39 6.03
C17 ELS H . -3.45 -13.80 5.07
C16 ELS H . -3.69 -14.89 4.22
C15 ELS H . -3.56 -16.20 4.68
C10 ELS H . -4.31 -16.81 1.35
NA NA I . -2.49 -5.03 0.73
NA NA J . 9.75 18.50 3.32
NA NA K . 36.61 37.41 -14.95
NA NA L . 1.60 12.51 -10.11
NA NA M . 12.06 18.36 -28.86
NA NA N . 34.89 15.40 -28.19
#